data_4GIC
#
_entry.id   4GIC
#
_cell.length_a   78.040
_cell.length_b   81.517
_cell.length_c   147.036
_cell.angle_alpha   90.000
_cell.angle_beta   90.000
_cell.angle_gamma   90.000
#
_symmetry.space_group_name_H-M   'P 21 21 21'
#
loop_
_entity.id
_entity.type
_entity.pdbx_description
1 polymer 'Histidinol dehydrogenase'
2 non-polymer 'SULFATE ION'
3 water water
#
_entity_poly.entity_id   1
_entity_poly.type   'polypeptide(L)'
_entity_poly.pdbx_seq_one_letter_code
;S(MSE)TEVKIKRLYTGDADFASQLDRLLAWSESEDTDIHQRVTEIIGCIRRDGDAALVELTARFDHFVVDTAAALELPR
DVLEAAWQALPAEQAKALREAAERIRAYAERQKLDSWDYREADGTLLGQKITPLDRVGLYVPGGKAAYPSSVL(MSE)NA
VPAKVAGVPELI(MSE)AVPAPRGELNALVLAAAYISGVDRVFRIGGAQAVAALAYGTETVPRVDKIVGPGNIYVATAKK
LVFGQVGID(MSE)VAGPSEILVISDGRTDPDWIA(MSE)DLFSQAEHDEDAQAILISPDAAHLEAVQASIERLLPG
(MSE)ERAEVIRTSLERRGG(MSE)ILVDDLEQAAAVANRIAPEHLELSVESPEVLVESIRNAGAIF(MSE)GRYTAEAL
GDYCAGPNHVLPTSGTARFSSPLGVYDFQKRSSLIYCSPDGADQLGRTASLLAWGEGL
;
_entity_poly.pdbx_strand_id   A,B
#
# COMPACT_ATOMS: atom_id res chain seq x y z
N SER A 1 18.18 11.11 41.93
CA SER A 1 17.54 10.35 42.99
C SER A 1 17.20 8.94 42.54
N THR A 3 14.21 7.80 42.49
CA THR A 3 12.88 7.87 41.89
C THR A 3 12.87 8.59 40.55
N GLU A 4 13.93 9.32 40.28
CA GLU A 4 13.97 10.14 39.06
C GLU A 4 13.95 9.30 37.78
N VAL A 5 13.32 9.86 36.75
CA VAL A 5 13.21 9.23 35.44
C VAL A 5 13.79 10.14 34.36
N LYS A 6 14.91 9.74 33.76
CA LYS A 6 15.58 10.56 32.75
C LYS A 6 14.79 10.56 31.44
N ILE A 7 13.91 11.54 31.27
CA ILE A 7 13.15 11.66 30.04
C ILE A 7 13.77 12.74 29.16
N LYS A 8 13.99 12.40 27.89
CA LYS A 8 14.60 13.35 26.95
C LYS A 8 13.79 14.65 26.90
N ARG A 9 14.50 15.77 26.94
CA ARG A 9 13.86 17.07 26.91
C ARG A 9 14.29 17.86 25.67
N LEU A 10 13.32 18.36 24.92
CA LEU A 10 13.60 19.18 23.74
C LEU A 10 12.92 20.55 23.82
N TYR A 11 13.51 21.50 23.13
CA TYR A 11 12.95 22.85 23.01
C TYR A 11 13.05 23.31 21.56
N THR A 12 11.96 23.86 21.03
CA THR A 12 11.91 24.31 19.64
C THR A 12 12.84 25.49 19.38
N GLY A 13 13.31 26.12 20.44
CA GLY A 13 14.26 27.20 20.31
C GLY A 13 15.65 26.68 20.02
N ASP A 14 15.91 25.43 20.36
CA ASP A 14 17.22 24.86 20.11
C ASP A 14 17.66 24.96 18.63
N ALA A 15 18.95 25.20 18.41
CA ALA A 15 19.44 25.36 17.05
C ALA A 15 19.47 24.00 16.39
N ASP A 16 19.68 22.97 17.22
CA ASP A 16 19.75 21.59 16.76
C ASP A 16 18.39 20.91 16.87
N PHE A 17 17.31 21.69 16.98
CA PHE A 17 16.04 21.07 17.34
C PHE A 17 15.60 20.05 16.31
N ALA A 18 15.61 20.41 15.04
CA ALA A 18 15.21 19.50 13.97
C ALA A 18 15.92 18.14 14.06
N SER A 19 17.24 18.16 14.23
CA SER A 19 18.01 16.93 14.31
C SER A 19 17.79 16.18 15.64
N GLN A 20 17.57 16.93 16.72
CA GLN A 20 17.30 16.29 17.99
C GLN A 20 15.99 15.53 17.90
N LEU A 21 15.00 16.14 17.23
CA LEU A 21 13.70 15.49 17.06
C LEU A 21 13.86 14.27 16.18
N ASP A 22 14.63 14.42 15.11
CA ASP A 22 14.90 13.28 14.23
C ASP A 22 15.45 12.11 15.02
N ARG A 23 16.44 12.39 15.85
CA ARG A 23 17.10 11.37 16.63
C ARG A 23 16.17 10.77 17.69
N LEU A 24 15.22 11.57 18.19
CA LEU A 24 14.27 11.07 19.18
C LEU A 24 13.29 10.10 18.53
N LEU A 25 12.88 10.40 17.31
CA LEU A 25 11.88 9.59 16.61
C LEU A 25 12.47 8.33 15.98
N ALA A 26 13.79 8.33 15.80
CA ALA A 26 14.45 7.25 15.07
C ALA A 26 14.34 5.93 15.77
N TRP A 27 14.07 4.87 15.02
CA TRP A 27 14.06 3.54 15.60
C TRP A 27 14.31 2.53 14.48
N SER A 28 15.36 1.73 14.62
CA SER A 28 15.70 0.75 13.58
C SER A 28 16.06 -0.61 14.19
N ASP A 32 20.02 -11.81 11.71
CA ASP A 32 19.06 -11.06 10.90
C ASP A 32 19.23 -11.39 9.41
N THR A 33 20.47 -11.47 8.97
CA THR A 33 20.77 -11.86 7.60
C THR A 33 20.60 -13.37 7.56
N ASP A 34 20.98 -13.99 8.67
CA ASP A 34 20.85 -15.43 8.88
C ASP A 34 19.36 -15.74 8.90
N ILE A 35 18.59 -14.84 9.49
CA ILE A 35 17.14 -14.97 9.49
C ILE A 35 16.62 -14.90 8.05
N HIS A 36 17.15 -13.96 7.26
CA HIS A 36 16.70 -13.80 5.88
C HIS A 36 16.95 -15.09 5.08
N GLN A 37 18.14 -15.66 5.26
CA GLN A 37 18.46 -16.94 4.62
C GLN A 37 17.49 -18.04 5.05
N ARG A 38 17.34 -18.22 6.37
CA ARG A 38 16.44 -19.26 6.88
C ARG A 38 15.04 -19.13 6.31
N VAL A 39 14.52 -17.92 6.31
CA VAL A 39 13.17 -17.68 5.82
C VAL A 39 13.07 -18.00 4.34
N THR A 40 14.08 -17.60 3.57
CA THR A 40 14.09 -17.94 2.15
C THR A 40 14.03 -19.46 1.94
N GLU A 41 14.87 -20.18 2.66
CA GLU A 41 14.87 -21.65 2.63
C GLU A 41 13.50 -22.26 3.00
N ILE A 42 12.86 -21.75 4.05
CA ILE A 42 11.56 -22.24 4.47
C ILE A 42 10.51 -22.03 3.37
N ILE A 43 10.47 -20.81 2.82
CA ILE A 43 9.57 -20.53 1.71
C ILE A 43 9.80 -21.49 0.53
N GLY A 44 11.07 -21.73 0.21
CA GLY A 44 11.41 -22.68 -0.85
C GLY A 44 10.94 -24.10 -0.57
N CYS A 45 11.14 -24.55 0.67
CA CYS A 45 10.72 -25.89 1.06
C CYS A 45 9.21 -26.03 0.92
N ILE A 46 8.49 -24.98 1.31
CA ILE A 46 7.05 -25.01 1.27
C ILE A 46 6.54 -25.04 -0.17
N ARG A 47 7.16 -24.23 -1.02
CA ARG A 47 6.80 -24.22 -2.43
C ARG A 47 7.08 -25.56 -3.08
N ARG A 48 8.22 -26.16 -2.70
CA ARG A 48 8.71 -27.41 -3.30
C ARG A 48 7.99 -28.66 -2.79
N ASP A 49 7.76 -28.73 -1.48
CA ASP A 49 7.29 -29.97 -0.84
C ASP A 49 5.89 -29.88 -0.25
N GLY A 50 5.33 -28.67 -0.20
CA GLY A 50 3.96 -28.47 0.23
C GLY A 50 3.63 -29.03 1.61
N ASP A 51 2.52 -29.76 1.67
CA ASP A 51 1.99 -30.30 2.93
C ASP A 51 3.03 -31.05 3.75
N ALA A 52 3.90 -31.84 3.09
CA ALA A 52 4.92 -32.61 3.80
C ALA A 52 5.86 -31.68 4.57
N ALA A 53 6.32 -30.64 3.87
CA ALA A 53 7.24 -29.68 4.45
C ALA A 53 6.55 -28.92 5.57
N LEU A 54 5.30 -28.53 5.36
CA LEU A 54 4.56 -27.81 6.40
C LEU A 54 4.36 -28.64 7.68
N VAL A 55 4.00 -29.91 7.52
CA VAL A 55 3.82 -30.77 8.67
C VAL A 55 5.14 -30.90 9.42
N GLU A 56 6.20 -31.24 8.69
CA GLU A 56 7.52 -31.36 9.31
C GLU A 56 7.98 -30.09 10.04
N LEU A 57 7.88 -28.94 9.37
CA LEU A 57 8.34 -27.68 9.94
C LEU A 57 7.50 -27.27 11.16
N THR A 58 6.21 -27.59 11.13
CA THR A 58 5.35 -27.35 12.29
C THR A 58 5.80 -28.24 13.46
N ALA A 59 6.16 -29.48 13.16
CA ALA A 59 6.68 -30.36 14.20
C ALA A 59 7.99 -29.83 14.80
N ARG A 60 8.88 -29.33 13.96
CA ARG A 60 10.20 -28.86 14.40
C ARG A 60 10.11 -27.55 15.19
N PHE A 61 9.32 -26.61 14.68
CA PHE A 61 9.26 -25.26 15.24
C PHE A 61 8.23 -25.05 16.34
N ASP A 62 7.09 -25.72 16.24
CA ASP A 62 6.01 -25.51 17.20
C ASP A 62 5.90 -26.69 18.18
N HIS A 63 6.62 -27.76 17.88
CA HIS A 63 6.48 -29.02 18.62
C HIS A 63 5.02 -29.42 18.64
N PHE A 64 4.37 -29.22 17.51
CA PHE A 64 2.99 -29.66 17.34
C PHE A 64 3.00 -30.71 16.24
N VAL A 65 2.71 -31.94 16.64
CA VAL A 65 2.89 -33.08 15.77
C VAL A 65 1.56 -33.70 15.34
N VAL A 66 1.35 -33.77 14.03
CA VAL A 66 0.16 -34.40 13.49
C VAL A 66 0.58 -35.42 12.45
N ASP A 67 -0.32 -36.38 12.17
CA ASP A 67 0.00 -37.42 11.21
C ASP A 67 -0.16 -36.89 9.78
N THR A 68 -1.23 -36.13 9.55
CA THR A 68 -1.46 -35.55 8.23
C THR A 68 -1.71 -34.04 8.29
N ALA A 69 -1.53 -33.38 7.16
CA ALA A 69 -1.70 -31.94 7.07
C ALA A 69 -3.14 -31.53 7.37
N ALA A 70 -4.08 -32.42 7.07
CA ALA A 70 -5.49 -32.19 7.34
C ALA A 70 -5.73 -32.00 8.84
N ALA A 71 -4.93 -32.71 9.64
CA ALA A 71 -5.03 -32.60 11.09
C ALA A 71 -4.54 -31.25 11.63
N LEU A 72 -3.89 -30.43 10.81
CA LEU A 72 -3.46 -29.10 11.27
C LEU A 72 -4.66 -28.19 11.55
N GLU A 73 -5.76 -28.43 10.84
CA GLU A 73 -6.94 -27.59 10.94
C GLU A 73 -7.73 -27.79 12.24
N LEU A 74 -8.26 -26.71 12.80
CA LEU A 74 -9.21 -26.78 13.92
C LEU A 74 -10.64 -26.88 13.41
N PRO A 75 -11.38 -27.92 13.81
CA PRO A 75 -12.80 -28.02 13.42
C PRO A 75 -13.54 -26.76 13.86
N ARG A 76 -14.58 -26.34 13.12
CA ARG A 76 -15.37 -25.16 13.51
C ARG A 76 -16.04 -25.34 14.90
N ASP A 77 -16.43 -26.59 15.18
CA ASP A 77 -17.04 -26.96 16.47
C ASP A 77 -16.22 -26.46 17.64
N VAL A 78 -14.90 -26.55 17.49
CA VAL A 78 -13.97 -26.07 18.50
C VAL A 78 -14.08 -24.55 18.72
N LEU A 79 -14.21 -23.79 17.64
CA LEU A 79 -14.34 -22.34 17.76
C LEU A 79 -15.63 -21.99 18.50
N GLU A 80 -16.72 -22.64 18.06
CA GLU A 80 -17.99 -22.39 18.74
C GLU A 80 -17.87 -22.74 20.22
N ALA A 81 -17.19 -23.83 20.55
CA ALA A 81 -17.12 -24.28 21.95
C ALA A 81 -16.25 -23.35 22.80
N ALA A 82 -15.23 -22.77 22.17
CA ALA A 82 -14.37 -21.80 22.83
C ALA A 82 -15.21 -20.61 23.19
N TRP A 83 -16.06 -20.17 22.25
CA TRP A 83 -16.99 -19.07 22.54
C TRP A 83 -17.98 -19.43 23.67
N GLN A 84 -18.58 -20.60 23.57
CA GLN A 84 -19.56 -21.05 24.53
C GLN A 84 -19.02 -21.29 25.94
N ALA A 85 -17.71 -21.47 26.08
CA ALA A 85 -17.15 -21.74 27.40
C ALA A 85 -16.60 -20.49 28.06
N LEU A 86 -16.71 -19.35 27.38
CA LEU A 86 -16.22 -18.10 27.94
C LEU A 86 -17.06 -17.68 29.12
N PRO A 87 -16.42 -17.07 30.14
CA PRO A 87 -17.11 -16.33 31.20
C PRO A 87 -18.01 -15.28 30.54
N ALA A 88 -19.20 -15.07 31.08
CA ALA A 88 -20.21 -14.23 30.42
C ALA A 88 -19.72 -12.83 30.09
N GLU A 89 -18.89 -12.26 30.97
CA GLU A 89 -18.42 -10.90 30.81
C GLU A 89 -17.36 -10.75 29.73
N GLN A 90 -16.47 -11.74 29.60
CA GLN A 90 -15.52 -11.75 28.50
C GLN A 90 -16.25 -11.87 27.17
N ALA A 91 -17.23 -12.77 27.12
CA ALA A 91 -18.04 -12.94 25.90
C ALA A 91 -18.70 -11.63 25.54
N LYS A 92 -19.24 -10.97 26.57
CA LYS A 92 -19.91 -9.66 26.43
C LYS A 92 -18.94 -8.63 25.84
N ALA A 93 -17.76 -8.52 26.43
CA ALA A 93 -16.74 -7.57 25.98
C ALA A 93 -16.33 -7.83 24.53
N LEU A 94 -16.12 -9.11 24.20
CA LEU A 94 -15.75 -9.51 22.84
C LEU A 94 -16.81 -9.11 21.84
N ARG A 95 -18.06 -9.47 22.15
CA ARG A 95 -19.14 -9.14 21.22
C ARG A 95 -19.24 -7.63 21.02
N GLU A 96 -19.12 -6.86 22.12
CA GLU A 96 -19.22 -5.41 22.05
C GLU A 96 -18.14 -4.78 21.18
N ALA A 97 -16.89 -5.17 21.43
CA ALA A 97 -15.79 -4.68 20.62
C ALA A 97 -16.02 -5.02 19.15
N ALA A 98 -16.37 -6.28 18.90
CA ALA A 98 -16.60 -6.73 17.53
C ALA A 98 -17.68 -5.87 16.85
N GLU A 99 -18.72 -5.53 17.61
CA GLU A 99 -19.81 -4.71 17.07
C GLU A 99 -19.41 -3.28 16.76
N ARG A 100 -18.64 -2.65 17.65
CA ARG A 100 -18.13 -1.30 17.34
C ARG A 100 -17.29 -1.29 16.06
N ILE A 101 -16.38 -2.26 15.99
CA ILE A 101 -15.59 -2.43 14.78
C ILE A 101 -16.43 -2.62 13.51
N ARG A 102 -17.47 -3.45 13.62
CA ARG A 102 -18.33 -3.75 12.47
C ARG A 102 -19.03 -2.50 11.99
N ALA A 103 -19.58 -1.75 12.94
CA ALA A 103 -20.31 -0.54 12.60
C ALA A 103 -19.38 0.49 11.93
N TYR A 104 -18.15 0.61 12.43
CA TYR A 104 -17.23 1.56 11.83
C TYR A 104 -16.86 1.12 10.39
N ALA A 105 -16.59 -0.17 10.24
CA ALA A 105 -16.27 -0.72 8.92
C ALA A 105 -17.39 -0.54 7.89
N GLU A 106 -18.65 -0.74 8.28
CA GLU A 106 -19.75 -0.55 7.33
C GLU A 106 -19.76 0.87 6.74
N ARG A 107 -19.41 1.84 7.57
CA ARG A 107 -19.39 3.23 7.14
C ARG A 107 -18.24 3.55 6.22
N GLN A 108 -17.18 2.76 6.30
CA GLN A 108 -15.99 2.97 5.48
C GLN A 108 -16.02 2.16 4.19
N LYS A 109 -17.04 1.32 4.04
CA LYS A 109 -17.07 0.35 2.95
C LYS A 109 -17.15 1.04 1.58
N LEU A 110 -16.34 0.57 0.63
CA LEU A 110 -16.36 1.17 -0.71
C LEU A 110 -17.52 0.61 -1.53
N ASP A 111 -18.15 1.45 -2.34
CA ASP A 111 -19.26 1.03 -3.20
C ASP A 111 -18.93 1.16 -4.69
N SER A 112 -19.49 0.26 -5.52
CA SER A 112 -19.39 0.40 -6.96
C SER A 112 -20.25 1.56 -7.45
N TRP A 113 -19.88 2.17 -8.58
CA TRP A 113 -20.73 3.18 -9.22
C TRP A 113 -20.35 3.40 -10.67
N ASP A 114 -21.15 4.17 -11.37
CA ASP A 114 -20.79 4.60 -12.71
C ASP A 114 -21.46 5.92 -13.05
N TYR A 115 -21.02 6.52 -14.15
CA TYR A 115 -21.64 7.73 -14.69
C TYR A 115 -21.37 7.83 -16.18
N ARG A 116 -22.14 8.71 -16.82
CA ARG A 116 -22.06 8.91 -18.26
C ARG A 116 -21.37 10.24 -18.51
N GLU A 117 -20.37 10.22 -19.39
CA GLU A 117 -19.75 11.46 -19.85
C GLU A 117 -20.72 12.18 -20.78
N ALA A 118 -20.37 13.39 -21.19
CA ALA A 118 -21.24 14.18 -22.05
C ALA A 118 -21.44 13.46 -23.38
N ASP A 119 -20.34 12.94 -23.93
CA ASP A 119 -20.37 12.25 -25.21
C ASP A 119 -21.14 10.93 -25.14
N GLY A 120 -21.33 10.41 -23.94
CA GLY A 120 -22.08 9.19 -23.72
C GLY A 120 -21.26 8.00 -23.25
N THR A 121 -19.95 8.17 -23.18
CA THR A 121 -19.06 7.13 -22.71
C THR A 121 -19.39 6.81 -21.26
N LEU A 122 -19.40 5.52 -20.93
CA LEU A 122 -19.70 5.10 -19.57
C LEU A 122 -18.40 4.86 -18.81
N LEU A 123 -18.22 5.56 -17.69
CA LEU A 123 -17.07 5.30 -16.85
C LEU A 123 -17.55 4.81 -15.50
N GLY A 124 -16.80 3.91 -14.88
CA GLY A 124 -17.25 3.36 -13.63
C GLY A 124 -16.17 2.77 -12.75
N GLN A 125 -16.59 2.46 -11.54
CA GLN A 125 -15.76 1.83 -10.56
C GLN A 125 -16.46 0.57 -10.09
N LYS A 126 -15.80 -0.57 -10.24
CA LYS A 126 -16.34 -1.84 -9.80
C LYS A 126 -15.56 -2.26 -8.57
N ILE A 127 -16.25 -2.36 -7.44
CA ILE A 127 -15.65 -2.76 -6.16
C ILE A 127 -15.81 -4.26 -5.95
N THR A 128 -14.73 -4.96 -5.62
CA THR A 128 -14.84 -6.38 -5.26
C THR A 128 -14.11 -6.61 -3.96
N PRO A 129 -14.54 -7.60 -3.16
CA PRO A 129 -13.72 -8.01 -2.01
C PRO A 129 -12.58 -8.88 -2.50
N LEU A 130 -11.47 -8.93 -1.76
CA LEU A 130 -10.42 -9.89 -2.10
C LEU A 130 -10.98 -11.33 -2.06
N ASP A 131 -10.54 -12.20 -2.97
CA ASP A 131 -11.05 -13.57 -3.01
C ASP A 131 -10.85 -14.32 -1.68
N ARG A 132 -9.61 -14.29 -1.19
CA ARG A 132 -9.28 -14.95 0.08
C ARG A 132 -8.28 -14.11 0.82
N VAL A 133 -8.39 -14.12 2.13
CA VAL A 133 -7.45 -13.37 2.96
C VAL A 133 -6.88 -14.25 4.05
N GLY A 134 -5.58 -14.13 4.30
CA GLY A 134 -4.93 -14.87 5.38
C GLY A 134 -4.65 -13.95 6.55
N LEU A 135 -4.96 -14.42 7.76
CA LEU A 135 -4.80 -13.65 8.99
C LEU A 135 -3.83 -14.41 9.89
N TYR A 136 -2.70 -13.79 10.21
CA TYR A 136 -1.76 -14.44 11.12
C TYR A 136 -1.98 -13.90 12.53
N VAL A 137 -1.99 -14.82 13.50
CA VAL A 137 -2.14 -14.48 14.91
C VAL A 137 -1.09 -15.26 15.72
N PRO A 138 -0.33 -14.59 16.59
CA PRO A 138 0.70 -15.36 17.27
C PRO A 138 0.11 -16.41 18.23
N GLY A 139 0.90 -17.43 18.55
CA GLY A 139 0.41 -18.54 19.34
C GLY A 139 0.42 -18.29 20.84
N GLY A 140 -0.27 -19.16 21.58
CA GLY A 140 -0.19 -19.14 23.02
C GLY A 140 -0.97 -18.01 23.66
N LYS A 141 -0.68 -17.78 24.95
CA LYS A 141 -1.41 -16.80 25.76
C LYS A 141 -1.03 -15.36 25.40
N ALA A 142 0.10 -15.18 24.73
CA ALA A 142 0.61 -13.83 24.45
C ALA A 142 -0.11 -13.16 23.28
N ALA A 143 -1.24 -13.70 22.87
CA ALA A 143 -2.02 -13.13 21.77
C ALA A 143 -3.24 -12.41 22.30
N TYR A 144 -3.70 -11.39 21.57
CA TYR A 144 -4.88 -10.63 21.97
C TYR A 144 -6.01 -10.86 20.99
N PRO A 145 -7.24 -11.02 21.52
CA PRO A 145 -8.40 -11.26 20.65
C PRO A 145 -8.63 -10.06 19.75
N SER A 146 -8.24 -8.88 20.22
CA SER A 146 -8.36 -7.64 19.45
C SER A 146 -7.69 -7.78 18.08
N SER A 147 -6.56 -8.48 18.05
CA SER A 147 -5.81 -8.64 16.81
C SER A 147 -6.65 -9.45 15.83
N VAL A 148 -7.36 -10.45 16.34
CA VAL A 148 -8.32 -11.14 15.50
C VAL A 148 -9.47 -10.22 15.04
N LEU A 149 -10.13 -9.53 15.97
CA LEU A 149 -11.32 -8.75 15.59
C LEU A 149 -11.05 -7.63 14.57
N ASN A 151 -8.81 -7.31 12.31
CA ASN A 151 -8.58 -7.78 10.94
C ASN A 151 -9.79 -8.47 10.37
N ALA A 152 -10.34 -9.41 11.14
CA ALA A 152 -11.39 -10.30 10.65
C ALA A 152 -12.69 -9.56 10.41
N VAL A 153 -13.10 -8.71 11.35
CA VAL A 153 -14.39 -8.05 11.18
C VAL A 153 -14.42 -7.16 9.92
N PRO A 154 -13.41 -6.30 9.72
CA PRO A 154 -13.46 -5.51 8.48
C PRO A 154 -13.39 -6.38 7.21
N ALA A 155 -12.59 -7.44 7.22
CA ALA A 155 -12.55 -8.35 6.07
C ALA A 155 -13.93 -8.92 5.74
N LYS A 156 -14.69 -9.30 6.77
CA LYS A 156 -16.00 -9.91 6.52
C LYS A 156 -17.02 -8.85 6.10
N VAL A 157 -16.90 -7.64 6.64
CA VAL A 157 -17.76 -6.54 6.17
C VAL A 157 -17.48 -6.28 4.67
N ALA A 158 -16.22 -6.32 4.30
CA ALA A 158 -15.84 -6.15 2.89
C ALA A 158 -16.45 -7.22 1.99
N GLY A 159 -16.73 -8.40 2.56
CA GLY A 159 -17.35 -9.48 1.79
C GLY A 159 -16.37 -10.56 1.37
N VAL A 160 -15.21 -10.60 2.01
CA VAL A 160 -14.21 -11.61 1.71
C VAL A 160 -14.87 -12.97 1.93
N PRO A 161 -14.93 -13.79 0.85
CA PRO A 161 -15.63 -15.08 0.91
C PRO A 161 -14.90 -16.13 1.77
N GLU A 162 -13.56 -16.10 1.78
CA GLU A 162 -12.77 -17.07 2.56
C GLU A 162 -11.70 -16.37 3.39
N LEU A 163 -11.95 -16.31 4.69
CA LEU A 163 -11.01 -15.71 5.61
C LEU A 163 -10.32 -16.87 6.33
N ILE A 164 -9.01 -16.99 6.16
CA ILE A 164 -8.29 -18.13 6.66
C ILE A 164 -7.29 -17.68 7.71
N ALA A 166 -4.15 -18.40 10.40
CA ALA A 166 -3.07 -19.23 10.89
C ALA A 166 -2.73 -18.79 12.32
N VAL A 167 -2.77 -19.76 13.24
CA VAL A 167 -2.31 -19.51 14.60
C VAL A 167 -1.57 -20.74 15.09
N PRO A 168 -0.28 -20.58 15.42
CA PRO A 168 0.47 -21.77 15.82
C PRO A 168 0.05 -22.23 17.21
N ALA A 169 0.21 -23.53 17.44
CA ALA A 169 -0.19 -24.13 18.70
C ALA A 169 1.03 -24.80 19.32
N PRO A 170 1.86 -24.01 20.01
CA PRO A 170 3.08 -24.57 20.60
C PRO A 170 2.73 -25.65 21.62
N ARG A 171 3.18 -26.88 21.32
CA ARG A 171 2.88 -28.04 22.16
C ARG A 171 1.37 -28.28 22.25
N GLY A 172 0.65 -27.80 21.25
CA GLY A 172 -0.78 -28.02 21.15
C GLY A 172 -1.59 -26.92 21.81
N GLU A 173 -0.89 -26.02 22.50
CA GLU A 173 -1.55 -24.99 23.31
C GLU A 173 -2.40 -24.04 22.48
N LEU A 174 -3.58 -23.73 23.01
CA LEU A 174 -4.54 -22.85 22.34
C LEU A 174 -4.89 -21.66 23.23
N ASN A 175 -5.41 -20.61 22.60
CA ASN A 175 -5.87 -19.42 23.30
C ASN A 175 -7.39 -19.30 23.12
N ALA A 176 -8.13 -19.52 24.21
CA ALA A 176 -9.59 -19.56 24.13
C ALA A 176 -10.19 -18.27 23.57
N LEU A 177 -9.73 -17.12 24.06
CA LEU A 177 -10.22 -15.82 23.60
C LEU A 177 -9.98 -15.63 22.12
N VAL A 178 -8.81 -16.02 21.64
CA VAL A 178 -8.52 -15.95 20.20
C VAL A 178 -9.47 -16.84 19.39
N LEU A 179 -9.72 -18.07 19.86
CA LEU A 179 -10.61 -18.96 19.11
C LEU A 179 -12.04 -18.42 19.10
N ALA A 180 -12.48 -17.89 20.24
CA ALA A 180 -13.84 -17.32 20.37
C ALA A 180 -13.99 -16.09 19.46
N ALA A 181 -12.95 -15.25 19.44
CA ALA A 181 -12.93 -14.10 18.55
C ALA A 181 -12.99 -14.56 17.08
N ALA A 182 -12.25 -15.61 16.74
CA ALA A 182 -12.34 -16.15 15.38
C ALA A 182 -13.76 -16.61 15.08
N TYR A 183 -14.40 -17.19 16.10
CA TYR A 183 -15.76 -17.69 15.92
C TYR A 183 -16.73 -16.56 15.61
N ILE A 184 -16.75 -15.53 16.46
CA ILE A 184 -17.78 -14.52 16.26
C ILE A 184 -17.48 -13.54 15.11
N SER A 185 -16.23 -13.46 14.68
CA SER A 185 -15.87 -12.54 13.60
C SER A 185 -16.02 -13.18 12.21
N GLY A 186 -16.35 -14.47 12.17
CA GLY A 186 -16.69 -15.12 10.92
C GLY A 186 -15.51 -15.69 10.15
N VAL A 187 -14.40 -15.91 10.85
CA VAL A 187 -13.29 -16.64 10.27
C VAL A 187 -13.75 -18.00 9.76
N ASP A 188 -13.38 -18.32 8.52
CA ASP A 188 -13.93 -19.50 7.85
C ASP A 188 -13.11 -20.75 8.16
N ARG A 189 -11.79 -20.62 8.17
CA ARG A 189 -10.96 -21.79 8.43
C ARG A 189 -9.81 -21.44 9.35
N VAL A 190 -9.42 -22.38 10.23
CA VAL A 190 -8.33 -22.09 11.15
C VAL A 190 -7.30 -23.20 11.16
N PHE A 191 -6.04 -22.83 10.89
CA PHE A 191 -4.93 -23.77 10.84
C PHE A 191 -3.91 -23.51 11.92
N ARG A 192 -3.47 -24.59 12.57
CA ARG A 192 -2.46 -24.51 13.62
C ARG A 192 -1.05 -24.55 13.04
N ILE A 193 -0.71 -23.48 12.33
CA ILE A 193 0.61 -23.30 11.73
C ILE A 193 1.09 -21.86 12.03
N GLY A 194 2.39 -21.62 11.97
CA GLY A 194 2.92 -20.29 12.25
C GLY A 194 4.25 -20.00 11.55
N GLY A 195 4.88 -18.89 11.90
CA GLY A 195 6.21 -18.58 11.39
C GLY A 195 6.23 -18.36 9.88
N ALA A 196 7.42 -18.47 9.31
CA ALA A 196 7.60 -18.29 7.87
C ALA A 196 6.87 -19.37 7.09
N GLN A 197 6.79 -20.58 7.64
CA GLN A 197 6.14 -21.65 6.91
C GLN A 197 4.65 -21.36 6.70
N ALA A 198 4.00 -20.73 7.68
CA ALA A 198 2.58 -20.41 7.54
C ALA A 198 2.38 -19.32 6.49
N VAL A 199 3.27 -18.34 6.50
CA VAL A 199 3.20 -17.28 5.48
C VAL A 199 3.37 -17.88 4.08
N ALA A 200 4.38 -18.73 3.90
CA ALA A 200 4.58 -19.39 2.61
C ALA A 200 3.36 -20.24 2.19
N ALA A 201 2.83 -21.00 3.15
CA ALA A 201 1.71 -21.89 2.88
C ALA A 201 0.50 -21.09 2.41
N LEU A 202 0.25 -19.96 3.06
CA LEU A 202 -0.85 -19.06 2.68
C LEU A 202 -0.63 -18.35 1.34
N ALA A 203 0.62 -17.94 1.10
CA ALA A 203 0.95 -17.12 -0.07
C ALA A 203 0.95 -17.94 -1.35
N TYR A 204 1.43 -19.18 -1.27
CA TYR A 204 1.54 -20.03 -2.45
C TYR A 204 0.51 -21.16 -2.46
N GLY A 205 -0.05 -21.47 -1.31
CA GLY A 205 -1.01 -22.56 -1.20
C GLY A 205 -0.30 -23.88 -1.00
N THR A 206 -0.99 -24.84 -0.40
CA THR A 206 -0.57 -26.24 -0.43
C THR A 206 -1.83 -27.02 -0.75
N GLU A 207 -1.73 -28.35 -0.73
CA GLU A 207 -2.88 -29.21 -0.97
C GLU A 207 -3.94 -28.99 0.10
N THR A 208 -3.48 -28.64 1.31
CA THR A 208 -4.36 -28.43 2.45
C THR A 208 -4.70 -26.96 2.67
N VAL A 209 -3.70 -26.09 2.56
CA VAL A 209 -3.92 -24.67 2.81
C VAL A 209 -4.21 -23.88 1.52
N PRO A 210 -5.37 -23.23 1.47
CA PRO A 210 -5.77 -22.42 0.31
C PRO A 210 -4.87 -21.22 0.16
N ARG A 211 -4.55 -20.87 -1.08
CA ARG A 211 -3.75 -19.71 -1.41
C ARG A 211 -4.60 -18.46 -1.23
N VAL A 212 -4.10 -17.50 -0.47
CA VAL A 212 -4.86 -16.28 -0.23
C VAL A 212 -4.28 -15.15 -1.09
N ASP A 213 -4.93 -14.00 -1.13
CA ASP A 213 -4.46 -12.89 -1.97
C ASP A 213 -3.82 -11.79 -1.15
N LYS A 214 -3.99 -11.88 0.15
CA LYS A 214 -3.43 -10.90 1.08
C LYS A 214 -3.23 -11.54 2.45
N ILE A 215 -2.12 -11.21 3.11
CA ILE A 215 -1.83 -11.74 4.42
C ILE A 215 -1.68 -10.55 5.38
N VAL A 216 -2.44 -10.55 6.47
CA VAL A 216 -2.33 -9.47 7.48
C VAL A 216 -2.10 -10.05 8.85
N GLY A 217 -1.70 -9.22 9.80
CA GLY A 217 -1.49 -9.68 11.16
C GLY A 217 -0.02 -9.69 11.47
N PRO A 218 0.36 -9.07 12.60
CA PRO A 218 1.77 -8.90 12.96
C PRO A 218 2.29 -10.15 13.65
N GLY A 219 3.59 -10.41 13.53
CA GLY A 219 4.16 -11.58 14.17
C GLY A 219 5.64 -11.34 14.44
N ASN A 220 6.37 -12.41 14.74
CA ASN A 220 7.79 -12.30 15.03
C ASN A 220 8.60 -11.93 13.79
N ILE A 221 9.92 -11.93 13.92
CA ILE A 221 10.81 -11.52 12.85
C ILE A 221 10.73 -12.47 11.64
N TYR A 222 10.45 -13.73 11.92
CA TYR A 222 10.29 -14.73 10.86
C TYR A 222 9.05 -14.39 10.04
N VAL A 223 7.98 -14.02 10.71
CA VAL A 223 6.74 -13.69 10.03
C VAL A 223 6.87 -12.38 9.24
N ALA A 224 7.48 -11.37 9.85
CA ALA A 224 7.67 -10.10 9.17
C ALA A 224 8.55 -10.28 7.91
N THR A 225 9.66 -11.01 8.08
CA THR A 225 10.56 -11.25 6.96
C THR A 225 9.85 -12.02 5.84
N ALA A 226 9.13 -13.07 6.21
CA ALA A 226 8.41 -13.87 5.23
C ALA A 226 7.41 -13.01 4.46
N LYS A 227 6.65 -12.18 5.19
CA LYS A 227 5.67 -11.32 4.56
C LYS A 227 6.34 -10.36 3.57
N LYS A 228 7.47 -9.77 3.97
CA LYS A 228 8.22 -8.91 3.05
C LYS A 228 8.65 -9.67 1.78
N LEU A 229 9.12 -10.90 1.96
CA LEU A 229 9.57 -11.71 0.82
C LEU A 229 8.44 -12.19 -0.12
N VAL A 230 7.23 -12.35 0.39
CA VAL A 230 6.14 -12.83 -0.47
C VAL A 230 5.27 -11.70 -1.03
N PHE A 231 5.60 -10.47 -0.66
CA PHE A 231 4.85 -9.34 -1.18
C PHE A 231 5.06 -9.32 -2.69
N GLY A 232 3.98 -9.17 -3.46
CA GLY A 232 4.06 -9.36 -4.90
C GLY A 232 3.23 -10.59 -5.26
N GLN A 233 3.49 -11.69 -4.56
CA GLN A 233 2.63 -12.86 -4.65
C GLN A 233 1.31 -12.56 -3.94
N VAL A 234 1.39 -11.83 -2.82
CA VAL A 234 0.22 -11.41 -2.09
C VAL A 234 0.33 -9.96 -1.66
N GLY A 235 -0.80 -9.34 -1.33
CA GLY A 235 -0.74 -8.10 -0.58
C GLY A 235 -0.37 -8.38 0.89
N ILE A 236 0.14 -7.34 1.57
CA ILE A 236 0.40 -7.44 3.01
C ILE A 236 -0.05 -6.17 3.70
N ASP A 237 -0.12 -6.21 5.02
CA ASP A 237 -0.38 -4.99 5.80
C ASP A 237 0.93 -4.25 6.10
N VAL A 239 4.04 -2.92 8.12
CA VAL A 239 4.76 -3.52 9.23
C VAL A 239 4.74 -2.64 10.50
N ALA A 240 4.40 -3.24 11.63
CA ALA A 240 4.46 -2.56 12.94
C ALA A 240 5.86 -2.77 13.49
N GLY A 241 6.41 -1.83 14.26
CA GLY A 241 5.73 -0.64 14.71
C GLY A 241 5.40 -0.65 16.18
N PRO A 242 6.39 -0.36 17.04
CA PRO A 242 6.11 -0.24 18.47
C PRO A 242 5.08 0.88 18.67
N SER A 243 4.23 0.76 19.68
CA SER A 243 3.22 1.77 19.90
C SER A 243 3.80 3.19 20.12
N GLU A 244 2.99 4.19 19.83
CA GLU A 244 3.38 5.57 20.01
C GLU A 244 2.18 6.34 20.56
N ILE A 245 2.45 7.25 21.48
CA ILE A 245 1.43 8.21 21.83
C ILE A 245 2.06 9.59 21.90
N LEU A 246 1.33 10.57 21.39
CA LEU A 246 1.75 11.95 21.47
C LEU A 246 0.62 12.68 22.15
N VAL A 247 0.93 13.35 23.24
CA VAL A 247 -0.03 14.18 23.96
C VAL A 247 0.31 15.65 23.80
N ILE A 248 -0.66 16.45 23.38
CA ILE A 248 -0.51 17.91 23.41
C ILE A 248 -1.33 18.43 24.59
N SER A 249 -0.69 19.16 25.50
CA SER A 249 -1.43 19.64 26.66
C SER A 249 -1.28 21.15 26.81
N ASP A 250 -2.40 21.86 26.99
CA ASP A 250 -2.31 23.32 27.16
C ASP A 250 -2.03 23.72 28.59
N GLY A 251 -2.12 22.76 29.51
CA GLY A 251 -1.85 23.05 30.91
C GLY A 251 -3.06 23.07 31.84
N ARG A 252 -4.27 23.01 31.29
CA ARG A 252 -5.46 23.02 32.16
C ARG A 252 -5.71 21.66 32.81
N THR A 253 -5.14 20.62 32.21
CA THR A 253 -5.39 19.25 32.67
C THR A 253 -4.50 18.83 33.84
N ASP A 254 -5.11 18.16 34.82
CA ASP A 254 -4.40 17.57 35.96
C ASP A 254 -3.20 16.81 35.44
N PRO A 255 -1.99 17.16 35.91
CA PRO A 255 -0.75 16.53 35.44
C PRO A 255 -0.69 15.02 35.73
N ASP A 256 -1.36 14.55 36.78
CA ASP A 256 -1.46 13.11 37.05
C ASP A 256 -2.16 12.39 35.89
N TRP A 257 -3.20 13.04 35.36
CA TRP A 257 -3.92 12.49 34.21
C TRP A 257 -3.02 12.40 32.99
N ILE A 258 -2.23 13.44 32.75
CA ILE A 258 -1.28 13.43 31.64
C ILE A 258 -0.28 12.28 31.82
N ALA A 259 0.24 12.14 33.04
CA ALA A 259 1.18 11.07 33.36
C ALA A 259 0.60 9.70 33.02
N ASP A 261 -1.82 9.10 30.95
CA ASP A 261 -1.99 9.05 29.50
C ASP A 261 -0.71 8.54 28.85
N LEU A 262 0.43 9.06 29.30
CA LEU A 262 1.72 8.63 28.74
C LEU A 262 1.98 7.14 29.08
N PHE A 263 1.64 6.77 30.31
CA PHE A 263 1.79 5.40 30.81
C PHE A 263 0.95 4.39 30.04
N SER A 264 -0.24 4.83 29.62
CA SER A 264 -1.22 3.98 28.95
C SER A 264 -0.61 3.23 27.77
N GLN A 265 0.25 3.91 27.02
CA GLN A 265 0.92 3.29 25.90
C GLN A 265 2.32 2.86 26.26
N ALA A 266 2.96 3.59 27.19
CA ALA A 266 4.32 3.18 27.54
C ALA A 266 4.40 1.79 28.23
N GLU A 267 3.29 1.34 28.82
CA GLU A 267 3.33 0.15 29.70
C GLU A 267 3.28 -1.22 29.02
N HIS A 268 2.95 -1.27 27.74
CA HIS A 268 2.81 -2.58 27.10
C HIS A 268 3.94 -2.94 26.14
N ASP A 269 4.87 -2.02 25.95
CA ASP A 269 6.06 -2.29 25.17
C ASP A 269 7.23 -1.46 25.65
N GLU A 270 8.37 -2.09 25.87
CA GLU A 270 9.53 -1.37 26.37
C GLU A 270 10.11 -0.46 25.28
N ASP A 271 9.66 -0.71 24.05
CA ASP A 271 10.12 0.05 22.89
C ASP A 271 9.07 1.08 22.46
N ALA A 272 8.01 1.18 23.23
CA ALA A 272 6.97 2.18 22.96
C ALA A 272 7.54 3.59 23.07
N GLN A 273 6.86 4.53 22.41
CA GLN A 273 7.28 5.91 22.48
C GLN A 273 6.16 6.81 23.01
N ALA A 274 6.41 7.50 24.10
CA ALA A 274 5.44 8.42 24.66
C ALA A 274 6.04 9.83 24.64
N ILE A 275 5.35 10.75 23.98
CA ILE A 275 5.89 12.10 23.88
C ILE A 275 4.82 13.08 24.36
N LEU A 276 5.25 14.06 25.15
CA LEU A 276 4.36 15.10 25.64
C LEU A 276 4.81 16.41 25.02
N ILE A 277 3.88 17.18 24.48
CA ILE A 277 4.17 18.52 23.96
C ILE A 277 3.33 19.55 24.75
N SER A 278 3.96 20.64 25.18
CA SER A 278 3.26 21.73 25.84
C SER A 278 3.99 23.05 25.70
N PRO A 279 3.24 24.16 25.58
CA PRO A 279 3.90 25.46 25.59
C PRO A 279 4.11 25.96 27.01
N ASP A 280 3.75 25.13 27.98
CA ASP A 280 3.79 25.50 29.41
C ASP A 280 4.90 24.73 30.11
N ALA A 281 6.01 25.42 30.38
CA ALA A 281 7.20 24.76 30.94
C ALA A 281 6.94 24.24 32.37
N ALA A 282 6.19 25.02 33.13
CA ALA A 282 5.81 24.64 34.49
C ALA A 282 4.98 23.37 34.43
N HIS A 283 4.06 23.29 33.47
CA HIS A 283 3.23 22.09 33.30
C HIS A 283 4.10 20.87 32.98
N LEU A 284 5.14 21.06 32.19
CA LEU A 284 6.04 19.96 31.83
C LEU A 284 6.74 19.47 33.08
N GLU A 285 7.19 20.42 33.91
CA GLU A 285 7.82 20.08 35.18
C GLU A 285 6.86 19.33 36.12
N ALA A 286 5.60 19.77 36.11
CA ALA A 286 4.55 19.19 36.92
C ALA A 286 4.25 17.74 36.49
N VAL A 287 4.24 17.51 35.17
CA VAL A 287 4.04 16.17 34.64
C VAL A 287 5.25 15.30 34.97
N GLN A 288 6.46 15.87 34.93
CA GLN A 288 7.62 15.11 35.38
C GLN A 288 7.42 14.66 36.83
N ALA A 289 7.03 15.59 37.69
CA ALA A 289 6.81 15.26 39.10
C ALA A 289 5.72 14.18 39.27
N SER A 290 4.61 14.32 38.55
CA SER A 290 3.51 13.36 38.60
C SER A 290 3.97 11.99 38.14
N ILE A 291 4.85 11.96 37.14
CA ILE A 291 5.40 10.70 36.65
C ILE A 291 6.25 10.04 37.73
N GLU A 292 7.18 10.81 38.29
CA GLU A 292 8.09 10.24 39.27
C GLU A 292 7.35 9.79 40.53
N ARG A 293 6.26 10.47 40.87
CA ARG A 293 5.46 10.13 42.04
C ARG A 293 4.59 8.89 41.77
N LEU A 294 3.90 8.87 40.63
CA LEU A 294 2.97 7.78 40.31
C LEU A 294 3.60 6.49 39.81
N LEU A 295 4.80 6.58 39.24
CA LEU A 295 5.43 5.42 38.61
C LEU A 295 5.59 4.16 39.52
N PRO A 296 6.11 4.33 40.76
CA PRO A 296 6.32 3.14 41.62
C PRO A 296 5.06 2.31 41.84
N GLY A 297 3.90 2.95 41.88
CA GLY A 297 2.65 2.26 42.17
C GLY A 297 2.08 1.53 40.97
N GLU A 299 1.97 -1.35 38.03
CA GLU A 299 2.25 -2.78 38.04
C GLU A 299 3.34 -3.10 37.01
N ARG A 300 3.32 -2.40 35.89
CA ARG A 300 4.36 -2.57 34.88
C ARG A 300 5.37 -1.43 34.90
N ALA A 301 5.68 -0.97 36.11
CA ALA A 301 6.59 0.16 36.33
C ALA A 301 7.91 0.02 35.59
N GLU A 302 8.43 -1.21 35.52
CA GLU A 302 9.72 -1.46 34.90
C GLU A 302 9.70 -1.20 33.41
N VAL A 303 8.66 -1.71 32.76
CA VAL A 303 8.51 -1.51 31.32
C VAL A 303 8.28 -0.03 30.99
N ILE A 304 7.37 0.59 31.73
CA ILE A 304 7.07 2.02 31.59
C ILE A 304 8.33 2.85 31.70
N ARG A 305 9.09 2.61 32.76
CA ARG A 305 10.35 3.32 32.95
C ARG A 305 11.29 3.09 31.77
N THR A 306 11.46 1.83 31.35
CA THR A 306 12.37 1.54 30.24
C THR A 306 11.98 2.32 28.99
N SER A 307 10.69 2.31 28.69
CA SER A 307 10.15 3.00 27.54
C SER A 307 10.37 4.52 27.65
N LEU A 308 10.05 5.10 28.79
CA LEU A 308 10.22 6.55 28.96
C LEU A 308 11.69 6.94 28.82
N GLU A 309 12.58 6.09 29.33
CA GLU A 309 14.02 6.36 29.32
C GLU A 309 14.62 6.24 27.94
N ARG A 310 14.15 5.26 27.17
CA ARG A 310 14.68 5.02 25.84
C ARG A 310 14.14 5.99 24.80
N ARG A 311 12.82 6.15 24.79
CA ARG A 311 12.19 6.84 23.67
C ARG A 311 11.18 7.87 24.12
N GLY A 312 11.07 8.08 25.42
CA GLY A 312 10.16 9.10 25.90
C GLY A 312 10.71 10.48 25.62
N GLY A 313 9.82 11.46 25.57
CA GLY A 313 10.25 12.83 25.37
C GLY A 313 9.21 13.83 25.83
N ILE A 315 8.44 17.95 24.96
CA ILE A 315 8.82 19.04 24.07
C ILE A 315 8.15 20.36 24.43
N LEU A 316 8.96 21.37 24.75
CA LEU A 316 8.44 22.72 24.99
C LEU A 316 8.34 23.50 23.68
N VAL A 317 7.16 24.07 23.43
CA VAL A 317 6.89 24.85 22.22
C VAL A 317 6.45 26.27 22.59
N ASP A 318 6.43 27.17 21.61
CA ASP A 318 6.06 28.56 21.87
C ASP A 318 4.56 28.70 22.15
N ASP A 319 3.74 27.92 21.45
CA ASP A 319 2.29 28.07 21.54
C ASP A 319 1.60 26.84 20.95
N LEU A 320 0.27 26.85 20.83
CA LEU A 320 -0.40 25.66 20.33
C LEU A 320 -0.21 25.47 18.83
N GLU A 321 -0.06 26.57 18.10
CA GLU A 321 0.26 26.52 16.67
C GLU A 321 1.50 25.65 16.44
N GLN A 322 2.55 25.96 17.17
CA GLN A 322 3.79 25.21 17.08
C GLN A 322 3.64 23.79 17.63
N ALA A 323 2.79 23.58 18.64
CA ALA A 323 2.52 22.22 19.10
C ALA A 323 1.99 21.40 17.93
N ALA A 324 1.03 21.95 17.19
CA ALA A 324 0.48 21.23 16.04
C ALA A 324 1.54 21.05 14.95
N ALA A 325 2.41 22.02 14.76
CA ALA A 325 3.45 21.87 13.73
C ALA A 325 4.39 20.70 14.06
N VAL A 326 4.82 20.67 15.33
CA VAL A 326 5.68 19.59 15.79
C VAL A 326 4.98 18.25 15.70
N ALA A 327 3.70 18.21 16.10
CA ALA A 327 2.93 16.97 16.02
C ALA A 327 2.86 16.47 14.56
N ASN A 328 2.65 17.41 13.64
CA ASN A 328 2.59 17.08 12.23
C ASN A 328 3.92 16.54 11.69
N ARG A 329 5.05 16.98 12.25
CA ARG A 329 6.34 16.39 11.90
C ARG A 329 6.48 14.97 12.50
N ILE A 330 6.00 14.80 13.73
CA ILE A 330 6.16 13.54 14.43
C ILE A 330 5.28 12.47 13.76
N ALA A 331 4.07 12.88 13.38
CA ALA A 331 3.08 12.01 12.73
C ALA A 331 2.83 10.75 13.54
N PRO A 332 2.27 10.91 14.75
CA PRO A 332 2.17 9.77 15.67
C PRO A 332 1.07 8.80 15.32
N GLU A 333 1.25 7.57 15.77
CA GLU A 333 0.20 6.57 15.73
C GLU A 333 -1.05 7.10 16.39
N HIS A 334 -0.88 7.53 17.66
CA HIS A 334 -1.99 8.02 18.49
C HIS A 334 -1.69 9.45 18.88
N LEU A 335 -2.68 10.32 18.75
CA LEU A 335 -2.54 11.71 19.16
C LEU A 335 -3.66 12.07 20.14
N GLU A 336 -3.30 12.57 21.31
CA GLU A 336 -4.31 13.07 22.24
C GLU A 336 -4.24 14.58 22.40
N LEU A 337 -5.37 15.24 22.19
CA LEU A 337 -5.50 16.68 22.29
C LEU A 337 -6.06 17.04 23.66
N SER A 338 -5.20 17.10 24.68
CA SER A 338 -5.62 17.49 26.02
C SER A 338 -5.58 19.01 26.15
N VAL A 339 -6.53 19.69 25.50
CA VAL A 339 -6.56 21.14 25.53
C VAL A 339 -8.01 21.59 25.67
N GLU A 340 -8.19 22.89 25.89
CA GLU A 340 -9.51 23.43 26.14
C GLU A 340 -10.42 23.38 24.92
N SER A 341 -9.88 23.72 23.76
CA SER A 341 -10.69 23.72 22.54
C SER A 341 -10.13 22.78 21.49
N PRO A 342 -10.26 21.47 21.71
CA PRO A 342 -9.64 20.52 20.79
C PRO A 342 -10.30 20.58 19.43
N GLU A 343 -11.57 20.98 19.36
CA GLU A 343 -12.27 21.05 18.09
C GLU A 343 -11.68 22.21 17.25
N VAL A 344 -10.99 23.12 17.92
CA VAL A 344 -10.30 24.18 17.20
C VAL A 344 -8.89 23.72 16.81
N LEU A 345 -8.18 23.12 17.75
CA LEU A 345 -6.80 22.70 17.52
C LEU A 345 -6.70 21.64 16.43
N VAL A 346 -7.69 20.75 16.36
CA VAL A 346 -7.64 19.62 15.42
C VAL A 346 -7.58 20.10 13.96
N GLU A 347 -8.05 21.32 13.70
CA GLU A 347 -7.99 21.87 12.35
C GLU A 347 -6.56 22.08 11.87
N SER A 348 -5.62 22.19 12.80
CA SER A 348 -4.22 22.34 12.43
C SER A 348 -3.50 21.00 12.36
N ILE A 349 -4.21 19.94 12.74
CA ILE A 349 -3.63 18.62 12.77
C ILE A 349 -3.81 17.91 11.41
N ARG A 350 -2.70 17.40 10.87
CA ARG A 350 -2.73 16.72 9.56
C ARG A 350 -2.33 15.26 9.59
N ASN A 351 -1.27 14.96 10.33
CA ASN A 351 -0.64 13.64 10.27
C ASN A 351 -0.73 12.91 11.60
N ALA A 352 -1.64 11.94 11.67
CA ALA A 352 -1.86 11.15 12.88
C ALA A 352 -2.76 9.95 12.57
N GLY A 353 -2.44 8.78 13.10
CA GLY A 353 -3.29 7.61 12.89
C GLY A 353 -4.68 7.77 13.49
N ALA A 354 -4.72 8.08 14.77
CA ALA A 354 -5.98 8.31 15.46
C ALA A 354 -5.88 9.54 16.36
N ILE A 355 -6.96 10.31 16.44
CA ILE A 355 -6.97 11.53 17.23
C ILE A 355 -8.05 11.48 18.29
N PHE A 356 -7.62 11.61 19.55
CA PHE A 356 -8.51 11.61 20.71
C PHE A 356 -8.71 12.98 21.29
N GLY A 358 -11.08 15.22 24.18
CA GLY A 358 -11.95 15.04 25.33
C GLY A 358 -11.34 14.09 26.36
N VAL A 375 -5.99 -1.12 13.39
CA VAL A 375 -4.53 -1.08 13.44
C VAL A 375 -3.98 0.21 12.80
N LEU A 376 -3.24 0.98 13.59
CA LEU A 376 -2.85 2.34 13.22
C LEU A 376 -1.43 2.46 12.65
N PRO A 377 -1.22 3.43 11.76
CA PRO A 377 0.13 3.56 11.18
C PRO A 377 1.11 4.13 12.21
N THR A 378 2.29 3.51 12.30
CA THR A 378 3.30 3.90 13.29
C THR A 378 4.57 4.36 12.58
N SER A 379 5.58 4.73 13.37
CA SER A 379 6.90 5.05 12.86
C SER A 379 6.87 6.20 11.85
N GLY A 380 5.91 7.12 12.00
CA GLY A 380 5.85 8.26 11.12
C GLY A 380 5.18 7.97 9.78
N THR A 381 4.69 6.75 9.59
CA THR A 381 4.02 6.42 8.34
C THR A 381 2.62 7.01 8.26
N ALA A 382 2.14 7.63 9.34
CA ALA A 382 0.87 8.35 9.27
C ALA A 382 0.95 9.59 8.35
N ARG A 383 2.16 9.94 7.91
CA ARG A 383 2.31 10.97 6.88
C ARG A 383 1.76 10.50 5.53
N PHE A 384 1.61 9.19 5.35
CA PHE A 384 1.16 8.71 4.05
C PHE A 384 0.27 7.49 4.05
N SER A 385 -0.04 6.96 5.24
CA SER A 385 -0.85 5.73 5.37
C SER A 385 -2.10 5.98 6.18
N SER A 386 -3.11 5.13 5.99
CA SER A 386 -4.31 5.13 6.82
C SER A 386 -4.28 3.91 7.75
N PRO A 387 -5.15 3.90 8.78
CA PRO A 387 -5.29 2.66 9.55
C PRO A 387 -5.78 1.54 8.64
N LEU A 388 -5.52 0.32 9.05
CA LEU A 388 -6.14 -0.85 8.44
C LEU A 388 -7.66 -0.70 8.56
N GLY A 389 -8.38 -0.93 7.47
CA GLY A 389 -9.83 -0.90 7.52
C GLY A 389 -10.46 -1.77 6.44
N VAL A 390 -11.78 -1.69 6.35
CA VAL A 390 -12.55 -2.47 5.41
C VAL A 390 -12.01 -2.31 3.98
N TYR A 391 -11.60 -1.09 3.63
CA TYR A 391 -11.11 -0.75 2.29
C TYR A 391 -9.86 -1.53 1.92
N ASP A 392 -9.11 -1.98 2.92
CA ASP A 392 -7.92 -2.77 2.62
C ASP A 392 -8.21 -4.21 2.21
N PHE A 393 -9.47 -4.62 2.34
CA PHE A 393 -9.86 -5.98 1.94
C PHE A 393 -10.77 -5.94 0.73
N GLN A 394 -10.86 -4.73 0.15
CA GLN A 394 -11.57 -4.47 -1.08
C GLN A 394 -10.57 -3.98 -2.11
N LYS A 395 -10.95 -4.06 -3.38
CA LYS A 395 -10.14 -3.49 -4.43
C LYS A 395 -11.07 -2.91 -5.50
N ARG A 396 -10.53 -1.97 -6.27
N ARG A 396 -10.54 -1.95 -6.26
CA ARG A 396 -11.28 -1.30 -7.33
CA ARG A 396 -11.30 -1.29 -7.32
C ARG A 396 -10.80 -1.76 -8.70
C ARG A 396 -10.80 -1.70 -8.70
N SER A 397 -11.74 -1.81 -9.64
CA SER A 397 -11.43 -2.06 -11.04
C SER A 397 -12.06 -0.92 -11.82
N SER A 398 -11.31 -0.31 -12.72
CA SER A 398 -11.90 0.70 -13.62
C SER A 398 -12.75 0.07 -14.73
N LEU A 399 -13.95 0.62 -14.96
CA LEU A 399 -14.78 0.19 -16.08
C LEU A 399 -14.89 1.30 -17.13
N ILE A 400 -14.71 0.94 -18.39
CA ILE A 400 -14.86 1.87 -19.51
C ILE A 400 -15.76 1.24 -20.55
N TYR A 401 -16.90 1.88 -20.82
CA TYR A 401 -17.81 1.43 -21.87
C TYR A 401 -17.97 2.52 -22.94
N THR B 3 7.85 -14.55 -41.85
CA THR B 3 6.52 -13.95 -41.70
C THR B 3 5.69 -14.52 -40.55
N GLU B 4 5.96 -15.77 -40.17
CA GLU B 4 5.18 -16.40 -39.10
C GLU B 4 5.52 -15.82 -37.72
N VAL B 5 4.53 -15.76 -36.84
CA VAL B 5 4.75 -15.32 -35.47
C VAL B 5 4.33 -16.48 -34.57
N LYS B 6 5.32 -17.09 -33.94
CA LYS B 6 5.10 -18.24 -33.07
C LYS B 6 4.51 -17.82 -31.72
N ILE B 7 3.19 -17.86 -31.61
CA ILE B 7 2.53 -17.51 -30.34
C ILE B 7 2.11 -18.77 -29.58
N LYS B 8 2.44 -18.83 -28.29
CA LYS B 8 2.11 -19.99 -27.48
C LYS B 8 0.60 -20.23 -27.53
N ARG B 9 0.23 -21.49 -27.73
CA ARG B 9 -1.17 -21.89 -27.79
C ARG B 9 -1.41 -22.82 -26.63
N LEU B 10 -2.45 -22.55 -25.86
CA LEU B 10 -2.79 -23.38 -24.71
C LEU B 10 -4.23 -23.82 -24.85
N TYR B 11 -4.56 -24.98 -24.28
CA TYR B 11 -5.91 -25.53 -24.40
C TYR B 11 -6.33 -26.00 -23.03
N THR B 12 -7.51 -25.58 -22.60
CA THR B 12 -8.01 -25.83 -21.25
C THR B 12 -8.30 -27.31 -20.99
N GLY B 13 -8.38 -28.09 -22.06
CA GLY B 13 -8.57 -29.53 -21.94
C GLY B 13 -7.28 -30.24 -21.59
N ASP B 14 -6.14 -29.66 -21.97
CA ASP B 14 -4.87 -30.31 -21.64
C ASP B 14 -4.70 -30.59 -20.14
N ALA B 15 -4.02 -31.68 -19.82
CA ALA B 15 -3.83 -32.08 -18.44
C ALA B 15 -2.79 -31.20 -17.75
N ASP B 16 -1.80 -30.74 -18.51
CA ASP B 16 -0.74 -29.92 -17.92
C ASP B 16 -1.08 -28.44 -18.06
N PHE B 17 -2.36 -28.13 -18.25
CA PHE B 17 -2.77 -26.78 -18.60
C PHE B 17 -2.43 -25.78 -17.50
N ALA B 18 -2.84 -26.07 -16.26
CA ALA B 18 -2.56 -25.18 -15.13
C ALA B 18 -1.09 -24.79 -15.05
N SER B 19 -0.20 -25.79 -15.17
CA SER B 19 1.23 -25.50 -15.07
C SER B 19 1.75 -24.72 -16.27
N GLN B 20 1.13 -24.95 -17.43
CA GLN B 20 1.51 -24.21 -18.62
C GLN B 20 1.09 -22.75 -18.47
N LEU B 21 -0.08 -22.51 -17.88
CA LEU B 21 -0.59 -21.17 -17.67
C LEU B 21 0.34 -20.49 -16.68
N ASP B 22 0.76 -21.23 -15.65
CA ASP B 22 1.70 -20.70 -14.68
C ASP B 22 2.98 -20.26 -15.35
N ARG B 23 3.56 -21.11 -16.19
CA ARG B 23 4.82 -20.74 -16.83
C ARG B 23 4.62 -19.58 -17.81
N LEU B 24 3.44 -19.49 -18.40
CA LEU B 24 3.16 -18.40 -19.34
C LEU B 24 3.08 -17.06 -18.57
N LEU B 25 2.49 -17.10 -17.38
CA LEU B 25 2.32 -15.90 -16.54
C LEU B 25 3.57 -15.52 -15.75
N ALA B 26 4.51 -16.46 -15.63
CA ALA B 26 5.69 -16.28 -14.79
C ALA B 26 6.54 -15.09 -15.24
N TRP B 27 7.06 -14.34 -14.26
CA TRP B 27 7.89 -13.18 -14.52
C TRP B 27 8.86 -12.86 -13.39
N SER B 28 10.12 -12.56 -13.74
CA SER B 28 11.15 -12.24 -12.76
C SER B 28 11.91 -10.97 -13.15
N ASP B 32 23.07 -6.53 -10.41
CA ASP B 32 21.82 -6.49 -9.68
C ASP B 32 22.11 -6.34 -8.19
N THR B 33 23.10 -7.09 -7.72
CA THR B 33 23.55 -6.95 -6.35
C THR B 33 24.36 -5.66 -6.37
N ASP B 34 25.05 -5.48 -7.50
CA ASP B 34 25.86 -4.31 -7.73
C ASP B 34 24.98 -3.08 -7.80
N ILE B 35 23.82 -3.19 -8.45
CA ILE B 35 22.93 -2.03 -8.53
C ILE B 35 22.44 -1.68 -7.14
N HIS B 36 22.12 -2.70 -6.35
CA HIS B 36 21.64 -2.45 -5.00
C HIS B 36 22.69 -1.68 -4.19
N GLN B 37 23.94 -2.16 -4.30
CA GLN B 37 25.06 -1.52 -3.64
C GLN B 37 25.17 -0.04 -4.03
N ARG B 38 25.21 0.20 -5.35
CA ARG B 38 25.25 1.56 -5.89
C ARG B 38 24.13 2.46 -5.41
N VAL B 39 22.90 1.98 -5.44
CA VAL B 39 21.77 2.81 -5.02
C VAL B 39 21.89 3.14 -3.54
N THR B 40 22.31 2.16 -2.75
CA THR B 40 22.52 2.39 -1.34
C THR B 40 23.53 3.52 -1.12
N GLU B 41 24.65 3.43 -1.83
CA GLU B 41 25.68 4.47 -1.76
C GLU B 41 25.15 5.85 -2.16
N ILE B 42 24.38 5.90 -3.24
CA ILE B 42 23.80 7.17 -3.70
C ILE B 42 22.86 7.78 -2.64
N ILE B 43 21.93 6.98 -2.13
CA ILE B 43 21.02 7.44 -1.08
C ILE B 43 21.80 7.97 0.13
N GLY B 44 22.83 7.22 0.53
CA GLY B 44 23.69 7.68 1.61
C GLY B 44 24.35 9.02 1.31
N CYS B 45 24.85 9.18 0.09
CA CYS B 45 25.48 10.44 -0.31
C CYS B 45 24.54 11.62 -0.25
N ILE B 46 23.30 11.41 -0.67
CA ILE B 46 22.30 12.48 -0.67
C ILE B 46 21.88 12.84 0.75
N ARG B 47 21.66 11.83 1.59
CA ARG B 47 21.34 12.11 2.99
C ARG B 47 22.48 12.85 3.70
N ARG B 48 23.71 12.48 3.42
CA ARG B 48 24.84 13.04 4.13
C ARG B 48 25.25 14.45 3.60
N ASP B 49 25.22 14.62 2.28
CA ASP B 49 25.78 15.84 1.70
C ASP B 49 24.74 16.70 0.95
N GLY B 50 23.51 16.21 0.85
CA GLY B 50 22.43 17.00 0.31
C GLY B 50 22.70 17.58 -1.08
N ASP B 51 22.48 18.89 -1.21
CA ASP B 51 22.59 19.60 -2.49
C ASP B 51 23.89 19.42 -3.26
N ALA B 52 25.03 19.43 -2.58
CA ALA B 52 26.31 19.31 -3.27
C ALA B 52 26.35 17.96 -3.99
N ALA B 53 25.92 16.92 -3.28
CA ALA B 53 25.89 15.57 -3.85
C ALA B 53 24.90 15.49 -5.01
N LEU B 54 23.73 16.11 -4.87
CA LEU B 54 22.72 16.10 -5.93
C LEU B 54 23.23 16.78 -7.20
N VAL B 55 23.89 17.92 -7.05
CA VAL B 55 24.47 18.60 -8.19
C VAL B 55 25.55 17.73 -8.87
N GLU B 56 26.49 17.23 -8.07
CA GLU B 56 27.52 16.35 -8.63
C GLU B 56 26.94 15.10 -9.35
N LEU B 57 25.99 14.43 -8.72
CA LEU B 57 25.42 13.21 -9.32
C LEU B 57 24.65 13.55 -10.57
N THR B 58 23.99 14.71 -10.59
CA THR B 58 23.27 15.12 -11.78
C THR B 58 24.25 15.38 -12.93
N ALA B 59 25.37 16.03 -12.63
CA ALA B 59 26.39 16.19 -13.66
C ALA B 59 26.91 14.83 -14.16
N ARG B 60 27.06 13.87 -13.25
CA ARG B 60 27.61 12.56 -13.62
C ARG B 60 26.67 11.68 -14.46
N PHE B 61 25.43 11.55 -14.01
CA PHE B 61 24.47 10.67 -14.65
C PHE B 61 23.75 11.32 -15.83
N ASP B 62 23.41 12.60 -15.70
CA ASP B 62 22.55 13.27 -16.67
C ASP B 62 23.30 14.19 -17.61
N HIS B 63 24.58 14.42 -17.31
CA HIS B 63 25.39 15.34 -18.08
C HIS B 63 24.73 16.72 -18.10
N PHE B 64 24.14 17.09 -16.96
CA PHE B 64 23.52 18.39 -16.79
C PHE B 64 24.28 19.11 -15.68
N VAL B 65 25.02 20.14 -16.08
CA VAL B 65 25.94 20.82 -15.17
C VAL B 65 25.38 22.16 -14.77
N VAL B 66 25.22 22.36 -13.47
CA VAL B 66 24.75 23.64 -12.94
C VAL B 66 25.69 24.13 -11.85
N ASP B 67 25.66 25.44 -11.58
CA ASP B 67 26.55 26.03 -10.59
C ASP B 67 26.03 25.80 -9.17
N THR B 68 24.73 25.99 -9.00
CA THR B 68 24.09 25.78 -7.70
C THR B 68 22.87 24.89 -7.87
N ALA B 69 22.44 24.27 -6.78
CA ALA B 69 21.30 23.36 -6.85
C ALA B 69 20.03 24.10 -7.23
N ALA B 70 19.96 25.37 -6.88
CA ALA B 70 18.78 26.16 -7.19
C ALA B 70 18.53 26.18 -8.70
N ALA B 71 19.61 26.14 -9.48
CA ALA B 71 19.51 26.14 -10.93
C ALA B 71 18.95 24.83 -11.51
N LEU B 72 18.86 23.78 -10.71
CA LEU B 72 18.27 22.53 -11.19
C LEU B 72 16.79 22.75 -11.52
N GLU B 73 16.16 23.68 -10.82
CA GLU B 73 14.72 23.90 -10.96
C GLU B 73 14.35 24.60 -12.28
N LEU B 74 13.25 24.18 -12.89
CA LEU B 74 12.68 24.88 -14.04
C LEU B 74 11.70 25.97 -13.60
N PRO B 75 11.94 27.24 -14.01
CA PRO B 75 11.02 28.33 -13.73
C PRO B 75 9.62 27.98 -14.23
N ARG B 76 8.59 28.42 -13.52
CA ARG B 76 7.21 28.15 -13.89
C ARG B 76 6.83 28.69 -15.28
N ASP B 77 7.40 29.86 -15.59
CA ASP B 77 7.20 30.49 -16.89
C ASP B 77 7.50 29.50 -17.99
N VAL B 78 8.55 28.70 -17.80
CA VAL B 78 8.92 27.67 -18.76
C VAL B 78 7.81 26.65 -18.97
N LEU B 79 7.15 26.26 -17.89
CA LEU B 79 6.07 25.28 -18.01
C LEU B 79 4.90 25.87 -18.81
N GLU B 80 4.50 27.08 -18.43
CA GLU B 80 3.41 27.73 -19.16
C GLU B 80 3.76 27.88 -20.63
N ALA B 81 5.00 28.23 -20.92
CA ALA B 81 5.40 28.50 -22.30
C ALA B 81 5.46 27.21 -23.12
N ALA B 82 5.88 26.13 -22.49
CA ALA B 82 5.92 24.84 -23.17
C ALA B 82 4.50 24.47 -23.53
N TRP B 83 3.57 24.71 -22.61
CA TRP B 83 2.16 24.50 -22.94
C TRP B 83 1.68 25.39 -24.11
N GLN B 84 1.97 26.69 -24.03
CA GLN B 84 1.51 27.64 -25.03
C GLN B 84 2.06 27.35 -26.43
N ALA B 85 3.15 26.59 -26.52
CA ALA B 85 3.80 26.36 -27.83
C ALA B 85 3.44 25.03 -28.50
N LEU B 86 2.58 24.24 -27.84
CA LEU B 86 2.16 22.97 -28.42
C LEU B 86 1.32 23.20 -29.66
N PRO B 87 1.37 22.27 -30.62
CA PRO B 87 0.42 22.28 -31.73
C PRO B 87 -1.00 22.22 -31.18
N ALA B 88 -1.95 22.90 -31.82
CA ALA B 88 -3.31 23.03 -31.28
C ALA B 88 -3.99 21.69 -30.95
N GLU B 89 -3.71 20.68 -31.76
CA GLU B 89 -4.38 19.38 -31.63
C GLU B 89 -3.89 18.61 -30.39
N GLN B 90 -2.58 18.66 -30.16
CA GLN B 90 -1.99 18.07 -28.97
C GLN B 90 -2.48 18.80 -27.73
N ALA B 91 -2.57 20.13 -27.79
CA ALA B 91 -3.08 20.90 -26.66
C ALA B 91 -4.50 20.45 -26.32
N LYS B 92 -5.32 20.34 -27.37
CA LYS B 92 -6.69 19.84 -27.24
C LYS B 92 -6.74 18.48 -26.55
N ALA B 93 -5.95 17.55 -27.06
CA ALA B 93 -5.93 16.19 -26.54
C ALA B 93 -5.53 16.17 -25.06
N LEU B 94 -4.49 16.95 -24.73
CA LEU B 94 -4.03 17.06 -23.34
C LEU B 94 -5.10 17.58 -22.40
N ARG B 95 -5.73 18.70 -22.78
CA ARG B 95 -6.79 19.27 -21.98
C ARG B 95 -7.94 18.29 -21.78
N GLU B 96 -8.35 17.62 -22.85
CA GLU B 96 -9.47 16.68 -22.76
C GLU B 96 -9.15 15.50 -21.82
N ALA B 97 -8.01 14.87 -22.05
CA ALA B 97 -7.55 13.78 -21.18
C ALA B 97 -7.47 14.21 -19.71
N ALA B 98 -6.83 15.36 -19.46
CA ALA B 98 -6.73 15.85 -18.09
C ALA B 98 -8.10 16.05 -17.51
N GLU B 99 -9.04 16.56 -18.30
CA GLU B 99 -10.36 16.81 -17.77
C GLU B 99 -11.10 15.51 -17.41
N ARG B 100 -10.99 14.49 -18.27
CA ARG B 100 -11.60 13.18 -17.98
C ARG B 100 -11.03 12.60 -16.69
N ILE B 101 -9.70 12.58 -16.62
CA ILE B 101 -9.02 12.14 -15.40
C ILE B 101 -9.50 12.93 -14.17
N ARG B 102 -9.63 14.27 -14.27
CA ARG B 102 -10.09 15.09 -13.13
C ARG B 102 -11.48 14.69 -12.71
N ALA B 103 -12.37 14.52 -13.67
CA ALA B 103 -13.75 14.22 -13.32
C ALA B 103 -13.83 12.88 -12.60
N TYR B 104 -13.10 11.91 -13.14
CA TYR B 104 -13.09 10.58 -12.54
C TYR B 104 -12.51 10.61 -11.13
N ALA B 105 -11.39 11.31 -10.96
CA ALA B 105 -10.78 11.48 -9.62
C ALA B 105 -11.71 12.16 -8.65
N GLU B 106 -12.43 13.17 -9.13
CA GLU B 106 -13.39 13.86 -8.27
C GLU B 106 -14.46 12.88 -7.80
N ARG B 107 -14.87 11.94 -8.65
CA ARG B 107 -15.87 11.00 -8.15
C ARG B 107 -15.33 9.97 -7.17
N GLN B 108 -14.03 9.69 -7.18
CA GLN B 108 -13.44 8.70 -6.29
C GLN B 108 -12.95 9.30 -4.96
N LYS B 109 -13.03 10.62 -4.84
CA LYS B 109 -12.41 11.31 -3.72
C LYS B 109 -13.08 10.95 -2.40
N LEU B 110 -12.24 10.68 -1.40
CA LEU B 110 -12.72 10.30 -0.08
C LEU B 110 -13.15 11.56 0.69
N ASP B 111 -14.19 11.44 1.52
CA ASP B 111 -14.72 12.56 2.31
C ASP B 111 -14.61 12.28 3.80
N SER B 112 -14.42 13.33 4.61
CA SER B 112 -14.51 13.20 6.07
C SER B 112 -15.97 12.99 6.46
N TRP B 113 -16.18 12.35 7.61
CA TRP B 113 -17.52 12.25 8.19
C TRP B 113 -17.40 11.86 9.65
N ASP B 114 -18.52 11.93 10.37
CA ASP B 114 -18.58 11.48 11.75
C ASP B 114 -19.98 10.98 12.09
N TYR B 115 -20.12 10.33 13.24
CA TYR B 115 -21.41 9.89 13.73
C TYR B 115 -21.38 9.71 15.26
N ARG B 116 -22.55 9.63 15.87
CA ARG B 116 -22.66 9.47 17.31
C ARG B 116 -23.08 8.06 17.65
N GLU B 117 -22.31 7.44 18.55
CA GLU B 117 -22.72 6.18 19.16
C GLU B 117 -23.83 6.47 20.15
N ALA B 118 -24.37 5.41 20.74
CA ALA B 118 -25.50 5.52 21.66
C ALA B 118 -25.16 6.36 22.91
N ASP B 119 -23.98 6.13 23.49
CA ASP B 119 -23.55 6.86 24.68
C ASP B 119 -23.29 8.35 24.44
N GLY B 120 -23.10 8.74 23.17
CA GLY B 120 -22.82 10.12 22.87
C GLY B 120 -21.40 10.32 22.35
N THR B 121 -20.63 9.24 22.30
CA THR B 121 -19.29 9.32 21.74
C THR B 121 -19.34 9.65 20.25
N LEU B 122 -18.50 10.59 19.84
CA LEU B 122 -18.44 10.92 18.44
C LEU B 122 -17.28 10.18 17.82
N LEU B 123 -17.58 9.39 16.80
CA LEU B 123 -16.55 8.69 16.06
C LEU B 123 -16.50 9.27 14.68
N GLY B 124 -15.33 9.33 14.10
CA GLY B 124 -15.22 9.95 12.81
C GLY B 124 -14.01 9.51 12.02
N GLN B 125 -14.03 9.91 10.76
CA GLN B 125 -12.99 9.69 9.80
C GLN B 125 -12.62 11.06 9.28
N LYS B 126 -11.37 11.41 9.45
CA LYS B 126 -10.85 12.67 9.00
C LYS B 126 -9.93 12.40 7.82
N ILE B 127 -10.32 12.91 6.65
CA ILE B 127 -9.55 12.77 5.41
C ILE B 127 -8.61 13.95 5.23
N THR B 128 -7.35 13.69 4.94
CA THR B 128 -6.40 14.77 4.60
C THR B 128 -5.63 14.41 3.33
N PRO B 129 -5.19 15.42 2.56
CA PRO B 129 -4.28 15.11 1.45
C PRO B 129 -2.90 14.84 2.02
N LEU B 130 -2.06 14.07 1.33
CA LEU B 130 -0.64 14.02 1.69
C LEU B 130 -0.05 15.43 1.59
N ASP B 131 0.88 15.77 2.48
CA ASP B 131 1.45 17.13 2.52
C ASP B 131 2.19 17.51 1.20
N ARG B 132 3.02 16.61 0.71
CA ARG B 132 3.78 16.83 -0.51
C ARG B 132 3.87 15.50 -1.23
N VAL B 133 3.85 15.54 -2.56
CA VAL B 133 4.00 14.30 -3.34
C VAL B 133 5.09 14.53 -4.37
N GLY B 134 5.94 13.53 -4.55
CA GLY B 134 6.97 13.58 -5.57
C GLY B 134 6.59 12.70 -6.75
N LEU B 135 6.75 13.22 -7.96
CA LEU B 135 6.40 12.48 -9.16
C LEU B 135 7.66 12.34 -9.99
N TYR B 136 8.09 11.11 -10.27
CA TYR B 136 9.23 10.90 -11.12
C TYR B 136 8.79 10.62 -12.56
N VAL B 137 9.46 11.27 -13.52
CA VAL B 137 9.23 11.01 -14.93
C VAL B 137 10.56 10.93 -15.66
N PRO B 138 10.75 9.92 -16.54
CA PRO B 138 12.05 9.79 -17.19
C PRO B 138 12.35 10.93 -18.16
N GLY B 139 13.64 11.17 -18.41
CA GLY B 139 14.06 12.26 -19.25
C GLY B 139 13.99 11.88 -20.72
N GLY B 140 14.10 12.89 -21.58
CA GLY B 140 14.18 12.68 -23.02
C GLY B 140 12.83 12.46 -23.68
N LYS B 141 12.87 12.00 -24.93
CA LYS B 141 11.69 11.81 -25.80
C LYS B 141 10.89 10.58 -25.39
N ALA B 142 11.53 9.70 -24.63
CA ALA B 142 10.95 8.41 -24.25
C ALA B 142 9.98 8.48 -23.07
N ALA B 143 9.55 9.67 -22.67
CA ALA B 143 8.55 9.77 -21.62
C ALA B 143 7.20 10.08 -22.27
N TYR B 144 6.12 9.67 -21.61
CA TYR B 144 4.79 9.91 -22.16
C TYR B 144 4.04 10.88 -21.29
N PRO B 145 3.37 11.85 -21.92
CA PRO B 145 2.61 12.85 -21.14
C PRO B 145 1.48 12.22 -20.32
N SER B 146 0.98 11.09 -20.81
CA SER B 146 -0.08 10.34 -20.13
C SER B 146 0.29 10.00 -18.69
N SER B 147 1.54 9.61 -18.47
CA SER B 147 1.96 9.23 -17.13
C SER B 147 1.94 10.42 -16.19
N VAL B 148 2.35 11.56 -16.73
CA VAL B 148 2.26 12.79 -15.96
C VAL B 148 0.80 13.02 -15.59
N LEU B 149 -0.11 12.97 -16.57
CA LEU B 149 -1.50 13.32 -16.23
C LEU B 149 -2.10 12.34 -15.21
N ASN B 151 -0.65 10.53 -12.96
CA ASN B 151 -0.21 10.68 -11.58
C ASN B 151 -0.59 12.04 -10.98
N ALA B 152 -0.32 13.11 -11.71
CA ALA B 152 -0.45 14.45 -11.17
C ALA B 152 -1.90 14.87 -10.98
N VAL B 153 -2.75 14.58 -11.96
CA VAL B 153 -4.13 15.04 -11.81
C VAL B 153 -4.85 14.48 -10.56
N PRO B 154 -4.78 13.17 -10.31
CA PRO B 154 -5.43 12.70 -9.06
C PRO B 154 -4.82 13.33 -7.81
N ALA B 155 -3.50 13.54 -7.81
CA ALA B 155 -2.85 14.17 -6.67
C ALA B 155 -3.41 15.56 -6.41
N LYS B 156 -3.62 16.35 -7.48
CA LYS B 156 -4.13 17.69 -7.28
C LYS B 156 -5.60 17.66 -6.90
N VAL B 157 -6.36 16.74 -7.48
CA VAL B 157 -7.75 16.60 -7.04
C VAL B 157 -7.81 16.23 -5.56
N ALA B 158 -6.87 15.40 -5.10
CA ALA B 158 -6.85 15.02 -3.68
C ALA B 158 -6.66 16.25 -2.79
N GLY B 159 -6.00 17.28 -3.34
CA GLY B 159 -5.77 18.50 -2.59
C GLY B 159 -4.34 18.57 -2.08
N VAL B 160 -3.44 17.74 -2.63
CA VAL B 160 -2.03 17.80 -2.25
C VAL B 160 -1.51 19.21 -2.48
N PRO B 161 -1.05 19.90 -1.41
CA PRO B 161 -0.63 21.30 -1.51
C PRO B 161 0.68 21.50 -2.30
N GLU B 162 1.61 20.55 -2.28
CA GLU B 162 2.87 20.69 -3.01
C GLU B 162 3.15 19.46 -3.83
N LEU B 163 2.99 19.57 -5.15
CA LEU B 163 3.25 18.47 -6.07
C LEU B 163 4.53 18.79 -6.80
N ILE B 164 5.52 17.94 -6.59
CA ILE B 164 6.87 18.22 -7.06
C ILE B 164 7.29 17.18 -8.06
N ALA B 166 10.19 15.40 -10.54
CA ALA B 166 11.58 15.21 -10.93
C ALA B 166 11.63 14.63 -12.32
N VAL B 167 12.31 15.33 -13.25
CA VAL B 167 12.52 14.81 -14.59
C VAL B 167 13.93 15.21 -15.02
N PRO B 168 14.80 14.23 -15.28
CA PRO B 168 16.18 14.61 -15.59
C PRO B 168 16.23 15.24 -16.98
N ALA B 169 17.24 16.07 -17.22
CA ALA B 169 17.39 16.77 -18.49
C ALA B 169 18.74 16.42 -19.08
N PRO B 170 18.81 15.27 -19.76
CA PRO B 170 20.07 14.75 -20.29
C PRO B 170 20.68 15.74 -21.26
N ARG B 171 21.86 16.26 -20.90
CA ARG B 171 22.54 17.30 -21.67
C ARG B 171 21.68 18.55 -21.81
N GLY B 172 20.72 18.75 -20.90
CA GLY B 172 19.91 19.96 -20.89
C GLY B 172 18.61 19.84 -21.65
N GLU B 173 18.45 18.73 -22.36
CA GLU B 173 17.30 18.47 -23.22
C GLU B 173 15.98 18.35 -22.46
N LEU B 174 14.92 18.92 -23.02
CA LEU B 174 13.63 18.93 -22.37
C LEU B 174 12.60 18.29 -23.29
N ASN B 175 11.51 17.84 -22.68
CA ASN B 175 10.41 17.25 -23.42
C ASN B 175 9.22 18.18 -23.26
N ALA B 176 8.88 18.85 -24.35
CA ALA B 176 7.85 19.89 -24.32
C ALA B 176 6.53 19.34 -23.82
N LEU B 177 6.13 18.19 -24.34
CA LEU B 177 4.86 17.57 -23.97
C LEU B 177 4.83 17.24 -22.49
N VAL B 178 5.94 16.73 -21.97
CA VAL B 178 5.99 16.44 -20.54
C VAL B 178 5.83 17.73 -19.72
N LEU B 179 6.52 18.80 -20.13
CA LEU B 179 6.43 20.04 -19.38
C LEU B 179 5.03 20.63 -19.44
N ALA B 180 4.41 20.58 -20.63
CA ALA B 180 3.07 21.10 -20.83
C ALA B 180 2.05 20.32 -19.99
N ALA B 181 2.22 19.01 -19.96
CA ALA B 181 1.39 18.14 -19.12
C ALA B 181 1.56 18.49 -17.64
N ALA B 182 2.81 18.71 -17.20
CA ALA B 182 3.01 19.13 -15.82
C ALA B 182 2.30 20.47 -15.57
N TYR B 183 2.33 21.35 -16.56
CA TYR B 183 1.72 22.65 -16.40
C TYR B 183 0.21 22.52 -16.19
N ILE B 184 -0.46 21.81 -17.09
CA ILE B 184 -1.92 21.82 -17.02
C ILE B 184 -2.47 20.89 -15.94
N SER B 185 -1.63 20.03 -15.38
CA SER B 185 -2.06 19.14 -14.31
C SER B 185 -1.83 19.76 -12.94
N GLY B 186 -1.18 20.92 -12.92
CA GLY B 186 -1.03 21.64 -11.66
C GLY B 186 0.19 21.24 -10.88
N VAL B 187 1.17 20.65 -11.55
CA VAL B 187 2.44 20.41 -10.91
C VAL B 187 3.00 21.76 -10.41
N ASP B 188 3.45 21.79 -9.16
CA ASP B 188 3.87 23.04 -8.52
C ASP B 188 5.34 23.39 -8.78
N ARG B 189 6.23 22.41 -8.69
CA ARG B 189 7.64 22.67 -8.88
C ARG B 189 8.22 21.55 -9.71
N VAL B 190 9.20 21.86 -10.55
CA VAL B 190 9.82 20.87 -11.41
C VAL B 190 11.34 20.98 -11.30
N PHE B 191 11.97 19.89 -10.99
CA PHE B 191 13.42 19.86 -10.86
C PHE B 191 14.03 18.94 -11.91
N ARG B 192 15.10 19.41 -12.52
CA ARG B 192 15.80 18.61 -13.53
C ARG B 192 16.77 17.64 -12.89
N ILE B 193 16.22 16.64 -12.22
CA ILE B 193 17.03 15.60 -11.58
C ILE B 193 16.39 14.25 -11.85
N GLY B 194 17.16 13.17 -11.73
CA GLY B 194 16.61 11.84 -11.93
C GLY B 194 17.33 10.74 -11.15
N GLY B 195 17.02 9.50 -11.49
CA GLY B 195 17.76 8.36 -10.96
C GLY B 195 17.54 8.16 -9.48
N ALA B 196 18.44 7.40 -8.86
CA ALA B 196 18.33 7.16 -7.43
C ALA B 196 18.53 8.47 -6.69
N GLN B 197 19.36 9.34 -7.24
CA GLN B 197 19.66 10.59 -6.54
C GLN B 197 18.40 11.43 -6.40
N ALA B 198 17.55 11.41 -7.41
CA ALA B 198 16.29 12.16 -7.32
C ALA B 198 15.37 11.55 -6.26
N VAL B 199 15.29 10.22 -6.26
CA VAL B 199 14.45 9.55 -5.27
C VAL B 199 14.91 9.88 -3.86
N ALA B 200 16.21 9.80 -3.60
CA ALA B 200 16.74 10.15 -2.29
C ALA B 200 16.44 11.61 -1.95
N ALA B 201 16.62 12.53 -2.91
CA ALA B 201 16.40 13.93 -2.64
C ALA B 201 14.93 14.17 -2.27
N LEU B 202 14.02 13.54 -2.99
CA LEU B 202 12.61 13.65 -2.67
C LEU B 202 12.26 13.00 -1.31
N ALA B 203 12.88 11.87 -1.01
CA ALA B 203 12.50 11.12 0.19
C ALA B 203 13.01 11.77 1.45
N TYR B 204 14.22 12.32 1.40
CA TYR B 204 14.81 12.86 2.61
C TYR B 204 14.87 14.38 2.62
N GLY B 205 14.76 15.00 1.44
CA GLY B 205 14.89 16.45 1.33
C GLY B 205 16.33 16.88 1.17
N THR B 206 16.55 18.03 0.55
CA THR B 206 17.85 18.68 0.58
C THR B 206 17.54 20.12 0.92
N GLU B 207 18.54 20.99 0.94
CA GLU B 207 18.26 22.40 1.20
C GLU B 207 17.40 23.01 0.05
N THR B 208 17.50 22.43 -1.14
CA THR B 208 16.71 22.89 -2.29
C THR B 208 15.46 22.06 -2.56
N VAL B 209 15.57 20.74 -2.43
CA VAL B 209 14.44 19.87 -2.75
C VAL B 209 13.60 19.56 -1.50
N PRO B 210 12.30 19.91 -1.54
CA PRO B 210 11.43 19.65 -0.37
C PRO B 210 11.23 18.17 -0.17
N ARG B 211 11.18 17.76 1.09
CA ARG B 211 10.95 16.38 1.45
C ARG B 211 9.49 16.03 1.21
N VAL B 212 9.24 14.97 0.45
CA VAL B 212 7.84 14.61 0.14
C VAL B 212 7.39 13.39 0.94
N ASP B 213 6.09 13.07 0.89
CA ASP B 213 5.59 11.97 1.72
C ASP B 213 5.30 10.71 0.92
N LYS B 214 5.29 10.86 -0.40
CA LYS B 214 5.05 9.74 -1.31
C LYS B 214 5.69 10.02 -2.66
N ILE B 215 6.28 8.99 -3.26
CA ILE B 215 6.93 9.13 -4.56
C ILE B 215 6.29 8.15 -5.51
N VAL B 216 5.80 8.67 -6.64
CA VAL B 216 5.15 7.84 -7.65
C VAL B 216 5.81 8.08 -9.01
N GLY B 217 5.56 7.18 -9.95
CA GLY B 217 6.12 7.29 -11.30
C GLY B 217 7.21 6.26 -11.53
N PRO B 218 7.13 5.56 -12.67
CA PRO B 218 8.10 4.51 -12.98
C PRO B 218 9.38 5.11 -13.59
N GLY B 219 10.49 4.40 -13.41
CA GLY B 219 11.76 4.82 -13.94
C GLY B 219 12.61 3.59 -14.18
N ASN B 220 13.91 3.78 -14.37
CA ASN B 220 14.84 2.68 -14.61
C ASN B 220 15.07 1.79 -13.36
N ILE B 221 16.06 0.90 -13.44
CA ILE B 221 16.33 0.04 -12.29
C ILE B 221 16.83 0.84 -11.07
N TYR B 222 17.55 1.94 -11.29
CA TYR B 222 17.99 2.77 -10.17
C TYR B 222 16.81 3.37 -9.44
N VAL B 223 15.85 3.90 -10.20
CA VAL B 223 14.70 4.51 -9.57
C VAL B 223 13.84 3.49 -8.82
N ALA B 224 13.59 2.33 -9.43
CA ALA B 224 12.78 1.30 -8.81
C ALA B 224 13.44 0.80 -7.52
N THR B 225 14.74 0.54 -7.60
CA THR B 225 15.48 0.08 -6.43
C THR B 225 15.48 1.11 -5.31
N ALA B 226 15.72 2.36 -5.69
CA ALA B 226 15.71 3.45 -4.69
C ALA B 226 14.35 3.53 -4.01
N LYS B 227 13.28 3.45 -4.79
CA LYS B 227 11.94 3.55 -4.24
C LYS B 227 11.70 2.45 -3.23
N LYS B 228 12.10 1.23 -3.60
CA LYS B 228 12.02 0.14 -2.65
C LYS B 228 12.82 0.43 -1.35
N LEU B 229 14.02 0.99 -1.47
CA LEU B 229 14.84 1.28 -0.28
C LEU B 229 14.35 2.46 0.57
N VAL B 230 13.58 3.37 0.01
CA VAL B 230 13.10 4.48 0.83
C VAL B 230 11.66 4.25 1.36
N PHE B 231 11.03 3.15 0.96
CA PHE B 231 9.68 2.87 1.41
C PHE B 231 9.69 2.75 2.92
N GLY B 232 8.75 3.44 3.59
CA GLY B 232 8.79 3.56 5.05
C GLY B 232 9.09 5.01 5.40
N GLN B 233 10.12 5.56 4.78
CA GLN B 233 10.37 7.00 4.87
C GLN B 233 9.30 7.76 4.06
N VAL B 234 8.93 7.17 2.92
CA VAL B 234 7.83 7.69 2.11
C VAL B 234 6.96 6.50 1.66
N GLY B 235 5.71 6.75 1.30
CA GLY B 235 4.93 5.77 0.56
C GLY B 235 5.39 5.75 -0.89
N ILE B 236 5.15 4.65 -1.59
CA ILE B 236 5.47 4.56 -3.02
C ILE B 236 4.32 3.93 -3.77
N ASP B 237 4.34 4.02 -5.10
CA ASP B 237 3.33 3.32 -5.89
C ASP B 237 3.81 1.88 -6.11
N VAL B 239 5.32 -1.34 -7.77
CA VAL B 239 6.34 -1.47 -8.80
C VAL B 239 5.65 -2.02 -10.04
N ALA B 240 5.87 -1.38 -11.17
CA ALA B 240 5.18 -1.83 -12.36
C ALA B 240 5.95 -3.00 -12.96
N GLY B 241 5.19 -3.96 -13.47
CA GLY B 241 5.79 -5.00 -14.27
C GLY B 241 5.52 -4.54 -15.68
N PRO B 242 5.87 -5.36 -16.67
CA PRO B 242 5.53 -5.00 -18.05
C PRO B 242 4.01 -4.93 -18.24
N SER B 243 3.56 -4.15 -19.20
CA SER B 243 2.13 -4.03 -19.48
C SER B 243 1.50 -5.40 -19.79
N GLU B 244 0.19 -5.51 -19.56
CA GLU B 244 -0.54 -6.72 -19.86
C GLU B 244 -1.89 -6.39 -20.47
N ILE B 245 -2.28 -7.16 -21.46
CA ILE B 245 -3.67 -7.11 -21.89
C ILE B 245 -4.19 -8.53 -22.04
N LEU B 246 -5.44 -8.72 -21.63
CA LEU B 246 -6.13 -9.97 -21.82
C LEU B 246 -7.38 -9.66 -22.60
N VAL B 247 -7.50 -10.27 -23.77
CA VAL B 247 -8.69 -10.08 -24.56
C VAL B 247 -9.54 -11.34 -24.51
N ILE B 248 -10.81 -11.19 -24.14
CA ILE B 248 -11.77 -12.28 -24.24
C ILE B 248 -12.65 -12.00 -25.44
N SER B 249 -12.62 -12.90 -26.42
CA SER B 249 -13.34 -12.73 -27.68
C SER B 249 -14.30 -13.86 -27.95
N ASP B 250 -15.55 -13.50 -28.25
CA ASP B 250 -16.57 -14.49 -28.58
C ASP B 250 -16.47 -14.98 -30.02
N GLY B 251 -15.64 -14.30 -30.82
CA GLY B 251 -15.41 -14.68 -32.20
C GLY B 251 -16.10 -13.78 -33.21
N ARG B 252 -16.96 -12.89 -32.73
CA ARG B 252 -17.72 -12.02 -33.62
C ARG B 252 -16.95 -10.80 -34.09
N THR B 253 -15.91 -10.42 -33.36
CA THR B 253 -15.16 -9.24 -33.70
C THR B 253 -14.14 -9.55 -34.81
N ASP B 254 -14.02 -8.61 -35.74
CA ASP B 254 -13.04 -8.66 -36.81
C ASP B 254 -11.66 -8.96 -36.23
N PRO B 255 -11.03 -10.07 -36.66
CA PRO B 255 -9.72 -10.47 -36.13
C PRO B 255 -8.63 -9.43 -36.34
N ASP B 256 -8.73 -8.62 -37.40
CA ASP B 256 -7.80 -7.51 -37.58
C ASP B 256 -7.86 -6.58 -36.35
N TRP B 257 -9.08 -6.33 -35.86
CA TRP B 257 -9.28 -5.50 -34.68
C TRP B 257 -8.72 -6.12 -33.40
N ILE B 258 -8.93 -7.42 -33.22
CA ILE B 258 -8.38 -8.13 -32.05
C ILE B 258 -6.86 -8.08 -32.08
N ALA B 259 -6.30 -8.31 -33.26
CA ALA B 259 -4.88 -8.21 -33.48
C ALA B 259 -4.37 -6.84 -33.05
N ASP B 261 -5.79 -4.85 -30.98
CA ASP B 261 -5.97 -4.80 -29.54
C ASP B 261 -4.74 -5.38 -28.83
N LEU B 262 -4.25 -6.50 -29.34
CA LEU B 262 -3.04 -7.11 -28.79
C LEU B 262 -1.79 -6.23 -29.02
N PHE B 263 -1.68 -5.69 -30.23
CA PHE B 263 -0.54 -4.86 -30.56
C PHE B 263 -0.49 -3.65 -29.64
N SER B 264 -1.66 -3.15 -29.26
CA SER B 264 -1.76 -1.94 -28.45
C SER B 264 -0.89 -2.01 -27.21
N GLN B 265 -0.82 -3.17 -26.58
CA GLN B 265 0.00 -3.31 -25.38
C GLN B 265 1.32 -3.98 -25.68
N ALA B 266 1.33 -4.85 -26.68
CA ALA B 266 2.58 -5.53 -27.02
C ALA B 266 3.65 -4.55 -27.55
N GLU B 267 3.23 -3.41 -28.06
CA GLU B 267 4.14 -2.56 -28.82
C GLU B 267 5.07 -1.68 -27.99
N HIS B 268 4.77 -1.51 -26.71
CA HIS B 268 5.62 -0.61 -25.93
C HIS B 268 6.58 -1.27 -24.92
N ASP B 269 6.56 -2.60 -24.84
CA ASP B 269 7.55 -3.31 -24.03
C ASP B 269 7.77 -4.71 -24.61
N GLU B 270 9.04 -5.09 -24.76
CA GLU B 270 9.35 -6.36 -25.37
C GLU B 270 8.95 -7.48 -24.42
N ASP B 271 8.75 -7.12 -23.16
CA ASP B 271 8.36 -8.06 -22.14
C ASP B 271 6.89 -7.92 -21.79
N ALA B 272 6.17 -7.12 -22.56
CA ALA B 272 4.72 -7.00 -22.36
C ALA B 272 4.05 -8.36 -22.59
N GLN B 273 2.87 -8.54 -22.01
CA GLN B 273 2.14 -9.79 -22.21
C GLN B 273 0.76 -9.54 -22.78
N ALA B 274 0.53 -10.10 -23.97
CA ALA B 274 -0.76 -9.98 -24.62
C ALA B 274 -1.33 -11.38 -24.83
N ILE B 275 -2.51 -11.61 -24.26
CA ILE B 275 -3.16 -12.91 -24.30
C ILE B 275 -4.58 -12.77 -24.85
N LEU B 276 -4.94 -13.72 -25.71
CA LEU B 276 -6.28 -13.80 -26.26
C LEU B 276 -6.94 -15.11 -25.82
N ILE B 277 -8.16 -14.99 -25.33
CA ILE B 277 -8.96 -16.13 -24.92
C ILE B 277 -10.22 -16.15 -25.75
N SER B 278 -10.55 -17.32 -26.31
CA SER B 278 -11.76 -17.48 -27.08
C SER B 278 -12.24 -18.91 -26.98
N PRO B 279 -13.56 -19.10 -27.06
CA PRO B 279 -14.07 -20.47 -27.20
C PRO B 279 -14.10 -20.93 -28.67
N ASP B 280 -13.63 -20.07 -29.58
CA ASP B 280 -13.67 -20.35 -31.03
C ASP B 280 -12.28 -20.53 -31.64
N ALA B 281 -11.94 -21.76 -31.99
CA ALA B 281 -10.61 -22.09 -32.53
C ALA B 281 -10.36 -21.44 -33.88
N ALA B 282 -11.41 -21.41 -34.70
CA ALA B 282 -11.32 -20.76 -36.00
C ALA B 282 -10.98 -19.30 -35.80
N HIS B 283 -11.64 -18.66 -34.84
CA HIS B 283 -11.37 -17.26 -34.56
C HIS B 283 -9.90 -17.07 -34.18
N LEU B 284 -9.36 -17.98 -33.38
CA LEU B 284 -7.97 -17.90 -32.94
C LEU B 284 -7.01 -17.99 -34.13
N GLU B 285 -7.31 -18.92 -35.05
CA GLU B 285 -6.52 -19.03 -36.27
C GLU B 285 -6.60 -17.74 -37.11
N ALA B 286 -7.80 -17.17 -37.19
CA ALA B 286 -8.01 -15.95 -37.96
C ALA B 286 -7.19 -14.82 -37.36
N VAL B 287 -7.17 -14.73 -36.04
CA VAL B 287 -6.37 -13.69 -35.38
C VAL B 287 -4.87 -13.94 -35.59
N GLN B 288 -4.44 -15.20 -35.58
CA GLN B 288 -3.06 -15.51 -35.93
C GLN B 288 -2.70 -14.94 -37.32
N ALA B 289 -3.57 -15.24 -38.28
CA ALA B 289 -3.40 -14.75 -39.66
C ALA B 289 -3.34 -13.22 -39.73
N SER B 290 -4.27 -12.57 -39.02
CA SER B 290 -4.34 -11.10 -38.98
C SER B 290 -3.08 -10.52 -38.40
N ILE B 291 -2.53 -11.20 -37.40
CA ILE B 291 -1.30 -10.76 -36.77
C ILE B 291 -0.16 -10.83 -37.78
N GLU B 292 -0.03 -11.98 -38.42
CA GLU B 292 1.08 -12.15 -39.34
C GLU B 292 1.00 -11.19 -40.53
N ARG B 293 -0.22 -10.89 -40.96
CA ARG B 293 -0.44 -9.97 -42.08
C ARG B 293 -0.24 -8.49 -41.74
N LEU B 294 -0.81 -8.05 -40.62
CA LEU B 294 -0.75 -6.65 -40.21
C LEU B 294 0.58 -6.26 -39.58
N LEU B 295 1.31 -7.25 -39.04
CA LEU B 295 2.54 -6.96 -38.28
C LEU B 295 3.62 -6.17 -39.05
N PRO B 296 3.94 -6.56 -40.31
CA PRO B 296 5.02 -5.87 -41.03
C PRO B 296 4.79 -4.37 -41.16
N GLY B 297 3.52 -4.00 -41.24
CA GLY B 297 3.15 -2.63 -41.45
C GLY B 297 3.20 -1.78 -40.22
N GLU B 299 5.08 0.06 -37.01
CA GLU B 299 6.33 0.79 -36.84
C GLU B 299 7.13 0.15 -35.71
N ARG B 300 6.39 -0.42 -34.76
CA ARG B 300 6.99 -1.05 -33.60
C ARG B 300 7.00 -2.58 -33.83
N ALA B 301 7.07 -2.99 -35.10
CA ALA B 301 6.94 -4.41 -35.49
C ALA B 301 7.88 -5.37 -34.74
N GLU B 302 9.12 -4.91 -34.54
CA GLU B 302 10.12 -5.76 -33.89
C GLU B 302 9.76 -5.99 -32.41
N VAL B 303 9.36 -4.92 -31.72
CA VAL B 303 8.98 -5.00 -30.32
C VAL B 303 7.74 -5.87 -30.13
N ILE B 304 6.71 -5.60 -30.94
CA ILE B 304 5.48 -6.40 -30.94
C ILE B 304 5.80 -7.88 -31.12
N ARG B 305 6.61 -8.18 -32.11
CA ARG B 305 7.00 -9.55 -32.39
C ARG B 305 7.66 -10.16 -31.15
N THR B 306 8.64 -9.44 -30.61
CA THR B 306 9.38 -9.96 -29.46
C THR B 306 8.44 -10.29 -28.30
N SER B 307 7.52 -9.39 -28.01
CA SER B 307 6.57 -9.59 -26.93
C SER B 307 5.65 -10.80 -27.19
N LEU B 308 5.08 -10.88 -28.39
CA LEU B 308 4.17 -11.96 -28.70
C LEU B 308 4.87 -13.31 -28.63
N GLU B 309 6.11 -13.35 -29.12
CA GLU B 309 6.86 -14.60 -29.13
C GLU B 309 7.35 -14.98 -27.72
N ARG B 310 7.71 -13.99 -26.91
CA ARG B 310 8.23 -14.28 -25.57
C ARG B 310 7.11 -14.60 -24.59
N ARG B 311 6.07 -13.78 -24.60
CA ARG B 311 5.09 -13.89 -23.53
C ARG B 311 3.66 -13.88 -24.05
N GLY B 312 3.48 -13.89 -25.36
CA GLY B 312 2.13 -13.91 -25.90
C GLY B 312 1.45 -15.26 -25.74
N GLY B 313 0.12 -15.27 -25.79
CA GLY B 313 -0.62 -16.52 -25.71
C GLY B 313 -2.03 -16.47 -26.29
N ILE B 315 -5.51 -18.82 -25.84
CA ILE B 315 -6.07 -19.88 -25.01
C ILE B 315 -7.44 -20.23 -25.55
N LEU B 316 -7.59 -21.47 -25.98
CA LEU B 316 -8.90 -21.95 -26.37
C LEU B 316 -9.61 -22.46 -25.12
N VAL B 317 -10.83 -21.99 -24.92
CA VAL B 317 -11.63 -22.37 -23.76
C VAL B 317 -12.91 -23.03 -24.27
N ASP B 318 -13.61 -23.71 -23.38
CA ASP B 318 -14.85 -24.39 -23.77
C ASP B 318 -15.95 -23.37 -24.04
N ASP B 319 -15.96 -22.30 -23.26
CA ASP B 319 -16.98 -21.27 -23.40
C ASP B 319 -16.60 -19.98 -22.62
N LEU B 320 -17.50 -19.02 -22.56
CA LEU B 320 -17.18 -17.74 -21.95
C LEU B 320 -17.08 -17.81 -20.43
N GLU B 321 -17.80 -18.77 -19.84
CA GLU B 321 -17.70 -19.04 -18.41
C GLU B 321 -16.25 -19.39 -18.04
N GLN B 322 -15.69 -20.34 -18.78
CA GLN B 322 -14.32 -20.76 -18.55
C GLN B 322 -13.36 -19.61 -18.89
N ALA B 323 -13.74 -18.78 -19.85
CA ALA B 323 -12.96 -17.58 -20.19
C ALA B 323 -12.86 -16.67 -18.98
N ALA B 324 -13.98 -16.46 -18.30
CA ALA B 324 -14.01 -15.65 -17.09
C ALA B 324 -13.18 -16.30 -15.98
N ALA B 325 -13.24 -17.62 -15.87
CA ALA B 325 -12.47 -18.30 -14.82
C ALA B 325 -10.96 -18.12 -15.04
N VAL B 326 -10.54 -18.36 -16.28
CA VAL B 326 -9.13 -18.22 -16.64
C VAL B 326 -8.71 -16.77 -16.41
N ALA B 327 -9.57 -15.83 -16.81
CA ALA B 327 -9.24 -14.42 -16.62
C ALA B 327 -9.06 -14.12 -15.13
N ASN B 328 -9.93 -14.68 -14.29
CA ASN B 328 -9.83 -14.45 -12.84
C ASN B 328 -8.56 -15.04 -12.24
N ARG B 329 -8.07 -16.11 -12.84
CA ARG B 329 -6.75 -16.64 -12.50
C ARG B 329 -5.61 -15.74 -13.00
N ILE B 330 -5.76 -15.19 -14.19
CA ILE B 330 -4.71 -14.36 -14.77
C ILE B 330 -4.62 -13.03 -14.03
N ALA B 331 -5.78 -12.49 -13.65
CA ALA B 331 -5.85 -11.17 -12.99
C ALA B 331 -5.06 -10.12 -13.78
N PRO B 332 -5.52 -9.83 -15.01
CA PRO B 332 -4.70 -8.98 -15.88
C PRO B 332 -4.75 -7.49 -15.54
N GLU B 333 -3.68 -6.78 -15.92
CA GLU B 333 -3.67 -5.32 -15.83
C GLU B 333 -4.87 -4.73 -16.59
N HIS B 334 -4.97 -5.09 -17.87
CA HIS B 334 -6.05 -4.64 -18.75
C HIS B 334 -6.88 -5.83 -19.19
N LEU B 335 -8.20 -5.71 -19.07
CA LEU B 335 -9.10 -6.75 -19.57
C LEU B 335 -10.09 -6.17 -20.57
N GLU B 336 -10.10 -6.73 -21.78
CA GLU B 336 -11.05 -6.34 -22.81
C GLU B 336 -12.10 -7.42 -23.09
N LEU B 337 -13.37 -7.06 -22.93
CA LEU B 337 -14.46 -7.98 -23.16
C LEU B 337 -15.03 -7.75 -24.55
N SER B 338 -14.35 -8.27 -25.55
CA SER B 338 -14.80 -8.10 -26.94
C SER B 338 -15.83 -9.19 -27.24
N VAL B 339 -17.01 -9.03 -26.65
CA VAL B 339 -18.12 -9.97 -26.78
C VAL B 339 -19.44 -9.22 -26.90
N GLU B 340 -20.52 -9.94 -27.25
CA GLU B 340 -21.79 -9.30 -27.54
C GLU B 340 -22.49 -8.73 -26.31
N SER B 341 -22.45 -9.45 -25.19
CA SER B 341 -23.11 -8.97 -23.97
C SER B 341 -22.14 -8.81 -22.80
N PRO B 342 -21.25 -7.81 -22.89
CA PRO B 342 -20.20 -7.63 -21.89
C PRO B 342 -20.76 -7.17 -20.55
N GLU B 343 -21.93 -6.53 -20.55
CA GLU B 343 -22.54 -6.08 -19.31
C GLU B 343 -23.01 -7.29 -18.49
N VAL B 344 -23.18 -8.43 -19.17
CA VAL B 344 -23.52 -9.67 -18.50
C VAL B 344 -22.25 -10.41 -18.09
N LEU B 345 -21.28 -10.47 -19.00
CA LEU B 345 -20.04 -11.19 -18.74
C LEU B 345 -19.28 -10.59 -17.56
N VAL B 346 -19.31 -9.26 -17.45
CA VAL B 346 -18.51 -8.59 -16.43
C VAL B 346 -18.92 -9.03 -15.02
N GLU B 347 -20.13 -9.57 -14.89
CA GLU B 347 -20.61 -10.06 -13.60
C GLU B 347 -19.78 -11.21 -13.09
N SER B 348 -19.10 -11.90 -14.01
CA SER B 348 -18.28 -13.05 -13.64
C SER B 348 -16.83 -12.66 -13.42
N ILE B 349 -16.50 -11.41 -13.73
CA ILE B 349 -15.12 -10.92 -13.60
C ILE B 349 -14.85 -10.38 -12.20
N ARG B 350 -13.78 -10.87 -11.57
CA ARG B 350 -13.40 -10.47 -10.21
C ARG B 350 -12.06 -9.71 -10.14
N ASN B 351 -11.07 -10.18 -10.90
CA ASN B 351 -9.70 -9.68 -10.80
C ASN B 351 -9.18 -9.07 -12.11
N ALA B 352 -9.14 -7.74 -12.17
CA ALA B 352 -8.68 -7.02 -13.37
C ALA B 352 -8.47 -5.56 -13.00
N GLY B 353 -7.39 -4.94 -13.49
CA GLY B 353 -7.15 -3.53 -13.21
C GLY B 353 -8.18 -2.60 -13.83
N ALA B 354 -8.35 -2.71 -15.15
CA ALA B 354 -9.30 -1.92 -15.88
C ALA B 354 -10.05 -2.84 -16.82
N ILE B 355 -11.35 -2.61 -16.97
CA ILE B 355 -12.15 -3.44 -17.87
C ILE B 355 -12.78 -2.57 -18.96
N PHE B 356 -12.48 -2.93 -20.21
CA PHE B 356 -12.97 -2.24 -21.38
C PHE B 356 -14.06 -3.10 -21.98
N GLY B 358 -17.14 -3.60 -24.90
CA GLY B 358 -17.50 -3.20 -26.26
C GLY B 358 -16.29 -3.37 -27.17
N VAL B 375 0.45 2.76 -13.37
CA VAL B 375 -0.86 3.19 -12.87
C VAL B 375 -1.85 2.02 -12.60
N LEU B 376 -1.97 1.06 -13.52
CA LEU B 376 -2.85 -0.08 -13.28
C LEU B 376 -2.00 -1.21 -12.70
N PRO B 377 -2.60 -2.07 -11.86
CA PRO B 377 -1.80 -3.14 -11.26
C PRO B 377 -1.47 -4.27 -12.23
N THR B 378 -0.20 -4.66 -12.31
CA THR B 378 0.22 -5.70 -13.26
C THR B 378 0.80 -6.91 -12.53
N SER B 379 1.26 -7.88 -13.32
CA SER B 379 1.92 -9.07 -12.81
C SER B 379 1.03 -9.85 -11.83
N GLY B 380 -0.29 -9.78 -12.04
CA GLY B 380 -1.23 -10.52 -11.23
C GLY B 380 -1.60 -9.87 -9.92
N THR B 381 -1.10 -8.66 -9.67
CA THR B 381 -1.40 -7.98 -8.42
C THR B 381 -2.80 -7.37 -8.40
N ALA B 382 -3.52 -7.45 -9.51
CA ALA B 382 -4.92 -7.03 -9.52
C ALA B 382 -5.79 -7.98 -8.67
N ARG B 383 -5.20 -9.08 -8.21
CA ARG B 383 -5.86 -9.93 -7.22
C ARG B 383 -6.00 -9.23 -5.87
N PHE B 384 -5.20 -8.20 -5.63
CA PHE B 384 -5.25 -7.53 -4.31
C PHE B 384 -5.03 -6.02 -4.30
N SER B 385 -4.82 -5.41 -5.47
CA SER B 385 -4.53 -3.97 -5.58
C SER B 385 -5.53 -3.27 -6.48
N SER B 386 -5.64 -1.95 -6.27
CA SER B 386 -6.42 -1.08 -7.12
C SER B 386 -5.49 -0.27 -8.04
N PRO B 387 -6.05 0.33 -9.11
CA PRO B 387 -5.22 1.28 -9.87
C PRO B 387 -4.82 2.43 -8.98
N LEU B 388 -3.75 3.14 -9.34
CA LEU B 388 -3.44 4.40 -8.66
C LEU B 388 -4.63 5.32 -8.87
N GLY B 389 -5.10 5.97 -7.80
CA GLY B 389 -6.16 6.94 -7.93
C GLY B 389 -6.01 8.03 -6.89
N VAL B 390 -6.98 8.94 -6.85
CA VAL B 390 -6.97 10.07 -5.92
C VAL B 390 -6.78 9.59 -4.47
N TYR B 391 -7.42 8.48 -4.12
CA TYR B 391 -7.39 7.92 -2.76
C TYR B 391 -5.98 7.59 -2.33
N ASP B 392 -5.08 7.34 -3.27
CA ASP B 392 -3.70 7.05 -2.88
C ASP B 392 -2.94 8.32 -2.51
N PHE B 393 -3.56 9.48 -2.73
CA PHE B 393 -2.94 10.76 -2.38
C PHE B 393 -3.70 11.42 -1.22
N GLN B 394 -4.61 10.65 -0.64
CA GLN B 394 -5.35 11.00 0.57
C GLN B 394 -5.03 9.99 1.68
N LYS B 395 -5.36 10.33 2.92
CA LYS B 395 -5.28 9.37 4.03
C LYS B 395 -6.33 9.66 5.06
N ARG B 396 -6.65 8.64 5.87
N ARG B 396 -6.64 8.65 5.88
CA ARG B 396 -7.67 8.72 6.90
CA ARG B 396 -7.67 8.74 6.91
C ARG B 396 -7.04 8.76 8.28
C ARG B 396 -7.05 8.75 8.29
N SER B 397 -7.69 9.48 9.19
CA SER B 397 -7.30 9.50 10.58
C SER B 397 -8.58 9.16 11.32
N SER B 398 -8.50 8.27 12.30
CA SER B 398 -9.65 8.03 13.15
C SER B 398 -9.81 9.17 14.15
N LEU B 399 -11.03 9.68 14.28
CA LEU B 399 -11.34 10.71 15.27
C LEU B 399 -12.21 10.12 16.33
N ILE B 400 -11.85 10.36 17.58
CA ILE B 400 -12.67 9.95 18.71
C ILE B 400 -12.84 11.09 19.69
N TYR B 401 -14.07 11.57 19.82
CA TYR B 401 -14.38 12.63 20.77
C TYR B 401 -15.32 12.05 21.83
N CYS B 402 -14.75 11.74 23.01
CA CYS B 402 -15.48 11.03 24.06
C CYS B 402 -16.61 11.85 24.68
N SER B 403 -16.72 13.11 24.26
CA SER B 403 -17.86 13.94 24.62
C SER B 403 -18.63 14.36 23.36
#